data_6FPK
# 
_entry.id   6FPK 
# 
_audit_conform.dict_name       mmcif_pdbx.dic 
_audit_conform.dict_version    5.383 
_audit_conform.dict_location   http://mmcif.pdb.org/dictionaries/ascii/mmcif_pdbx.dic 
# 
loop_
_database_2.database_id 
_database_2.database_code 
_database_2.pdbx_database_accession 
_database_2.pdbx_DOI 
PDB   6FPK         pdb_00006fpk 10.2210/pdb6fpk/pdb 
WWPDB D_1200008742 ?            ?                   
# 
loop_
_pdbx_audit_revision_history.ordinal 
_pdbx_audit_revision_history.data_content_type 
_pdbx_audit_revision_history.major_revision 
_pdbx_audit_revision_history.minor_revision 
_pdbx_audit_revision_history.revision_date 
1 'Structure model' 1 0 2018-05-09 
2 'Structure model' 1 1 2018-06-06 
3 'Structure model' 1 2 2024-01-17 
# 
_pdbx_audit_revision_details.ordinal             1 
_pdbx_audit_revision_details.revision_ordinal    1 
_pdbx_audit_revision_details.data_content_type   'Structure model' 
_pdbx_audit_revision_details.provider            repository 
_pdbx_audit_revision_details.type                'Initial release' 
_pdbx_audit_revision_details.description         ? 
_pdbx_audit_revision_details.details             ? 
# 
loop_
_pdbx_audit_revision_group.ordinal 
_pdbx_audit_revision_group.revision_ordinal 
_pdbx_audit_revision_group.data_content_type 
_pdbx_audit_revision_group.group 
1 2 'Structure model' 'Data collection'        
2 2 'Structure model' 'Database references'    
3 3 'Structure model' 'Data collection'        
4 3 'Structure model' 'Database references'    
5 3 'Structure model' 'Refinement description' 
# 
loop_
_pdbx_audit_revision_category.ordinal 
_pdbx_audit_revision_category.revision_ordinal 
_pdbx_audit_revision_category.data_content_type 
_pdbx_audit_revision_category.category 
1 2 'Structure model' citation                      
2 3 'Structure model' chem_comp_atom                
3 3 'Structure model' chem_comp_bond                
4 3 'Structure model' database_2                    
5 3 'Structure model' pdbx_initial_refinement_model 
# 
loop_
_pdbx_audit_revision_item.ordinal 
_pdbx_audit_revision_item.revision_ordinal 
_pdbx_audit_revision_item.data_content_type 
_pdbx_audit_revision_item.item 
1 2 'Structure model' '_citation.journal_volume'            
2 2 'Structure model' '_citation.page_first'                
3 2 'Structure model' '_citation.page_last'                 
4 2 'Structure model' '_citation.title'                     
5 3 'Structure model' '_database_2.pdbx_DOI'                
6 3 'Structure model' '_database_2.pdbx_database_accession' 
# 
_pdbx_database_status.status_code                     REL 
_pdbx_database_status.status_code_sf                  REL 
_pdbx_database_status.status_code_mr                  ? 
_pdbx_database_status.entry_id                        6FPK 
_pdbx_database_status.recvd_initial_deposition_date   2018-02-11 
_pdbx_database_status.SG_entry                        N 
_pdbx_database_status.deposit_site                    PDBE 
_pdbx_database_status.process_site                    PDBE 
_pdbx_database_status.status_code_cs                  ? 
_pdbx_database_status.methods_development_category    ? 
_pdbx_database_status.pdb_format_compatible           Y 
_pdbx_database_status.status_code_nmr_data            ? 
# 
loop_
_audit_author.name 
_audit_author.pdbx_ordinal 
_audit_author.identifier_ORCID 
'Karniel, A.'   1 ? 
'Mrusek, D.'    2 ? 
'Steinchen, W.' 3 ? 
'Dym, O.'       4 ? 
'Bange, G.'     5 ? 
'Bibi, E.'      6 ? 
# 
_citation.abstract                  ? 
_citation.abstract_id_CAS           ? 
_citation.book_id_ISBN              ? 
_citation.book_publisher            ? 
_citation.book_publisher_city       ? 
_citation.book_title                ? 
_citation.coordinate_linkage        ? 
_citation.country                   UK 
_citation.database_id_Medline       ? 
_citation.details                   ? 
_citation.id                        primary 
_citation.journal_abbrev            'J. Mol. Biol.' 
_citation.journal_id_ASTM           JMOBAK 
_citation.journal_id_CSD            0070 
_citation.journal_id_ISSN           1089-8638 
_citation.journal_full              ? 
_citation.journal_issue             ? 
_citation.journal_volume            430 
_citation.language                  ? 
_citation.page_first                1607 
_citation.page_last                 1620 
_citation.title                     
'Co-translational Folding Intermediate Dictates Membrane Targeting of the Signal Recognition Particle Receptor.' 
_citation.year                      2018 
_citation.database_id_CSD           ? 
_citation.pdbx_database_id_DOI      10.1016/j.jmb.2018.04.017 
_citation.pdbx_database_id_PubMed   29704493 
_citation.unpublished_flag          ? 
# 
loop_
_citation_author.citation_id 
_citation_author.name 
_citation_author.ordinal 
_citation_author.identifier_ORCID 
primary 'Karniel, A.'   1 ? 
primary 'Mrusek, D.'    2 ? 
primary 'Steinchen, W.' 3 ? 
primary 'Dym, O.'       4 ? 
primary 'Bange, G.'     5 ? 
primary 'Bibi, E.'      6 ? 
# 
loop_
_entity.id 
_entity.type 
_entity.src_method 
_entity.pdbx_description 
_entity.formula_weight 
_entity.pdbx_number_of_molecules 
_entity.pdbx_ec 
_entity.pdbx_mutation 
_entity.pdbx_fragment 
_entity.details 
1 polymer     man 'Signal recognition particle receptor FtsY' 6928.821 1 ? ? 'N-terminal domain' ? 
2 non-polymer syn '(4S)-2-METHYL-2,4-PENTANEDIOL'             118.174  2 ? ? ?                   ? 
3 water       nat water                                       18.015   3 ? ? ?                   ? 
# 
_entity_name_com.entity_id   1 
_entity_name_com.name        'SRP receptor' 
# 
_entity_poly.entity_id                      1 
_entity_poly.type                           'polypeptide(L)' 
_entity_poly.nstd_linkage                   no 
_entity_poly.nstd_monomer                   no 
_entity_poly.pdbx_seq_one_letter_code       GSKKIDDDLFEELEEQLLIADVGVETTRKIITNLTEGASRKQLRDAEALYGLLKEEMGEILA 
_entity_poly.pdbx_seq_one_letter_code_can   GSKKIDDDLFEELEEQLLIADVGVETTRKIITNLTEGASRKQLRDAEALYGLLKEEMGEILA 
_entity_poly.pdbx_strand_id                 A 
_entity_poly.pdbx_target_identifier         ? 
# 
loop_
_pdbx_entity_nonpoly.entity_id 
_pdbx_entity_nonpoly.name 
_pdbx_entity_nonpoly.comp_id 
2 '(4S)-2-METHYL-2,4-PENTANEDIOL' MPD 
3 water                           HOH 
# 
loop_
_entity_poly_seq.entity_id 
_entity_poly_seq.num 
_entity_poly_seq.mon_id 
_entity_poly_seq.hetero 
1 1  GLY n 
1 2  SER n 
1 3  LYS n 
1 4  LYS n 
1 5  ILE n 
1 6  ASP n 
1 7  ASP n 
1 8  ASP n 
1 9  LEU n 
1 10 PHE n 
1 11 GLU n 
1 12 GLU n 
1 13 LEU n 
1 14 GLU n 
1 15 GLU n 
1 16 GLN n 
1 17 LEU n 
1 18 LEU n 
1 19 ILE n 
1 20 ALA n 
1 21 ASP n 
1 22 VAL n 
1 23 GLY n 
1 24 VAL n 
1 25 GLU n 
1 26 THR n 
1 27 THR n 
1 28 ARG n 
1 29 LYS n 
1 30 ILE n 
1 31 ILE n 
1 32 THR n 
1 33 ASN n 
1 34 LEU n 
1 35 THR n 
1 36 GLU n 
1 37 GLY n 
1 38 ALA n 
1 39 SER n 
1 40 ARG n 
1 41 LYS n 
1 42 GLN n 
1 43 LEU n 
1 44 ARG n 
1 45 ASP n 
1 46 ALA n 
1 47 GLU n 
1 48 ALA n 
1 49 LEU n 
1 50 TYR n 
1 51 GLY n 
1 52 LEU n 
1 53 LEU n 
1 54 LYS n 
1 55 GLU n 
1 56 GLU n 
1 57 MET n 
1 58 GLY n 
1 59 GLU n 
1 60 ILE n 
1 61 LEU n 
1 62 ALA n 
# 
_entity_src_gen.entity_id                          1 
_entity_src_gen.pdbx_src_id                        1 
_entity_src_gen.pdbx_alt_source_flag               sample 
_entity_src_gen.pdbx_seq_type                      'Biological sequence' 
_entity_src_gen.pdbx_beg_seq_num                   1 
_entity_src_gen.pdbx_end_seq_num                   62 
_entity_src_gen.gene_src_common_name               ? 
_entity_src_gen.gene_src_genus                     ? 
_entity_src_gen.pdbx_gene_src_gene                 'ftsY, b3464, JW3429' 
_entity_src_gen.gene_src_species                   ? 
_entity_src_gen.gene_src_strain                    ? 
_entity_src_gen.gene_src_tissue                    ? 
_entity_src_gen.gene_src_tissue_fraction           ? 
_entity_src_gen.gene_src_details                   ? 
_entity_src_gen.pdbx_gene_src_fragment             ? 
_entity_src_gen.pdbx_gene_src_scientific_name      'Escherichia coli (strain K12)' 
_entity_src_gen.pdbx_gene_src_ncbi_taxonomy_id     83333 
_entity_src_gen.pdbx_gene_src_variant              ? 
_entity_src_gen.pdbx_gene_src_cell_line            ? 
_entity_src_gen.pdbx_gene_src_atcc                 ? 
_entity_src_gen.pdbx_gene_src_organ                ? 
_entity_src_gen.pdbx_gene_src_organelle            ? 
_entity_src_gen.pdbx_gene_src_cell                 ? 
_entity_src_gen.pdbx_gene_src_cellular_location    ? 
_entity_src_gen.host_org_common_name               ? 
_entity_src_gen.pdbx_host_org_scientific_name      'Escherichia coli' 
_entity_src_gen.pdbx_host_org_ncbi_taxonomy_id     562 
_entity_src_gen.host_org_genus                     ? 
_entity_src_gen.pdbx_host_org_gene                 ? 
_entity_src_gen.pdbx_host_org_organ                ? 
_entity_src_gen.host_org_species                   ? 
_entity_src_gen.pdbx_host_org_tissue               ? 
_entity_src_gen.pdbx_host_org_tissue_fraction      ? 
_entity_src_gen.pdbx_host_org_strain               ? 
_entity_src_gen.pdbx_host_org_variant              ? 
_entity_src_gen.pdbx_host_org_cell_line            ? 
_entity_src_gen.pdbx_host_org_atcc                 ? 
_entity_src_gen.pdbx_host_org_culture_collection   ? 
_entity_src_gen.pdbx_host_org_cell                 ? 
_entity_src_gen.pdbx_host_org_organelle            ? 
_entity_src_gen.pdbx_host_org_cellular_location    ? 
_entity_src_gen.pdbx_host_org_vector_type          ? 
_entity_src_gen.pdbx_host_org_vector               ? 
_entity_src_gen.host_org_details                   ? 
_entity_src_gen.expression_system_id               ? 
_entity_src_gen.plasmid_name                       ? 
_entity_src_gen.plasmid_details                    ? 
_entity_src_gen.pdbx_description                   ? 
# 
loop_
_chem_comp.id 
_chem_comp.type 
_chem_comp.mon_nstd_flag 
_chem_comp.name 
_chem_comp.pdbx_synonyms 
_chem_comp.formula 
_chem_comp.formula_weight 
ALA 'L-peptide linking' y ALANINE                         ? 'C3 H7 N O2'     89.093  
ARG 'L-peptide linking' y ARGININE                        ? 'C6 H15 N4 O2 1' 175.209 
ASN 'L-peptide linking' y ASPARAGINE                      ? 'C4 H8 N2 O3'    132.118 
ASP 'L-peptide linking' y 'ASPARTIC ACID'                 ? 'C4 H7 N O4'     133.103 
GLN 'L-peptide linking' y GLUTAMINE                       ? 'C5 H10 N2 O3'   146.144 
GLU 'L-peptide linking' y 'GLUTAMIC ACID'                 ? 'C5 H9 N O4'     147.129 
GLY 'peptide linking'   y GLYCINE                         ? 'C2 H5 N O2'     75.067  
HOH non-polymer         . WATER                           ? 'H2 O'           18.015  
ILE 'L-peptide linking' y ISOLEUCINE                      ? 'C6 H13 N O2'    131.173 
LEU 'L-peptide linking' y LEUCINE                         ? 'C6 H13 N O2'    131.173 
LYS 'L-peptide linking' y LYSINE                          ? 'C6 H15 N2 O2 1' 147.195 
MET 'L-peptide linking' y METHIONINE                      ? 'C5 H11 N O2 S'  149.211 
MPD non-polymer         . '(4S)-2-METHYL-2,4-PENTANEDIOL' ? 'C6 H14 O2'      118.174 
PHE 'L-peptide linking' y PHENYLALANINE                   ? 'C9 H11 N O2'    165.189 
SER 'L-peptide linking' y SERINE                          ? 'C3 H7 N O3'     105.093 
THR 'L-peptide linking' y THREONINE                       ? 'C4 H9 N O3'     119.119 
TYR 'L-peptide linking' y TYROSINE                        ? 'C9 H11 N O3'    181.189 
VAL 'L-peptide linking' y VALINE                          ? 'C5 H11 N O2'    117.146 
# 
loop_
_pdbx_poly_seq_scheme.asym_id 
_pdbx_poly_seq_scheme.entity_id 
_pdbx_poly_seq_scheme.seq_id 
_pdbx_poly_seq_scheme.mon_id 
_pdbx_poly_seq_scheme.ndb_seq_num 
_pdbx_poly_seq_scheme.pdb_seq_num 
_pdbx_poly_seq_scheme.auth_seq_num 
_pdbx_poly_seq_scheme.pdb_mon_id 
_pdbx_poly_seq_scheme.auth_mon_id 
_pdbx_poly_seq_scheme.pdb_strand_id 
_pdbx_poly_seq_scheme.pdb_ins_code 
_pdbx_poly_seq_scheme.hetero 
A 1 1  GLY 1  219 ?   ?   ?   A . n 
A 1 2  SER 2  220 ?   ?   ?   A . n 
A 1 3  LYS 3  221 ?   ?   ?   A . n 
A 1 4  LYS 4  222 ?   ?   ?   A . n 
A 1 5  ILE 5  223 ?   ?   ?   A . n 
A 1 6  ASP 6  224 ?   ?   ?   A . n 
A 1 7  ASP 7  225 225 ASP ASP A . n 
A 1 8  ASP 8  226 226 ASP ASP A . n 
A 1 9  LEU 9  227 227 LEU LEU A . n 
A 1 10 PHE 10 228 228 PHE PHE A . n 
A 1 11 GLU 11 229 229 GLU GLU A . n 
A 1 12 GLU 12 230 230 GLU GLU A . n 
A 1 13 LEU 13 231 231 LEU LEU A . n 
A 1 14 GLU 14 232 232 GLU GLU A . n 
A 1 15 GLU 15 233 233 GLU GLU A . n 
A 1 16 GLN 16 234 234 GLN GLN A . n 
A 1 17 LEU 17 235 235 LEU LEU A . n 
A 1 18 LEU 18 236 236 LEU LEU A . n 
A 1 19 ILE 19 237 237 ILE ILE A . n 
A 1 20 ALA 20 238 238 ALA ALA A . n 
A 1 21 ASP 21 239 239 ASP ASP A . n 
A 1 22 VAL 22 240 240 VAL VAL A . n 
A 1 23 GLY 23 241 241 GLY GLY A . n 
A 1 24 VAL 24 242 242 VAL VAL A . n 
A 1 25 GLU 25 243 243 GLU GLU A . n 
A 1 26 THR 26 244 244 THR THR A . n 
A 1 27 THR 27 245 245 THR THR A . n 
A 1 28 ARG 28 246 246 ARG ARG A . n 
A 1 29 LYS 29 247 247 LYS LYS A . n 
A 1 30 ILE 30 248 248 ILE ILE A . n 
A 1 31 ILE 31 249 249 ILE ILE A . n 
A 1 32 THR 32 250 250 THR THR A . n 
A 1 33 ASN 33 251 251 ASN ASN A . n 
A 1 34 LEU 34 252 252 LEU LEU A . n 
A 1 35 THR 35 253 253 THR THR A . n 
A 1 36 GLU 36 254 254 GLU GLU A . n 
A 1 37 GLY 37 255 255 GLY GLY A . n 
A 1 38 ALA 38 256 256 ALA ALA A . n 
A 1 39 SER 39 257 257 SER SER A . n 
A 1 40 ARG 40 258 258 ARG ARG A . n 
A 1 41 LYS 41 259 259 LYS LYS A . n 
A 1 42 GLN 42 260 260 GLN GLN A . n 
A 1 43 LEU 43 261 261 LEU LEU A . n 
A 1 44 ARG 44 262 262 ARG ARG A . n 
A 1 45 ASP 45 263 263 ASP ASP A . n 
A 1 46 ALA 46 264 264 ALA ALA A . n 
A 1 47 GLU 47 265 265 GLU GLU A . n 
A 1 48 ALA 48 266 266 ALA ALA A . n 
A 1 49 LEU 49 267 267 LEU LEU A . n 
A 1 50 TYR 50 268 268 TYR TYR A . n 
A 1 51 GLY 51 269 269 GLY GLY A . n 
A 1 52 LEU 52 270 270 LEU LEU A . n 
A 1 53 LEU 53 271 271 LEU LEU A . n 
A 1 54 LYS 54 272 272 LYS LYS A . n 
A 1 55 GLU 55 273 273 GLU GLU A . n 
A 1 56 GLU 56 274 274 GLU GLU A . n 
A 1 57 MET 57 275 275 MET MET A . n 
A 1 58 GLY 58 276 276 GLY GLY A . n 
A 1 59 GLU 59 277 277 GLU GLU A . n 
A 1 60 ILE 60 278 ?   ?   ?   A . n 
A 1 61 LEU 61 279 ?   ?   ?   A . n 
A 1 62 ALA 62 280 ?   ?   ?   A . n 
# 
loop_
_pdbx_nonpoly_scheme.asym_id 
_pdbx_nonpoly_scheme.entity_id 
_pdbx_nonpoly_scheme.mon_id 
_pdbx_nonpoly_scheme.ndb_seq_num 
_pdbx_nonpoly_scheme.pdb_seq_num 
_pdbx_nonpoly_scheme.auth_seq_num 
_pdbx_nonpoly_scheme.pdb_mon_id 
_pdbx_nonpoly_scheme.auth_mon_id 
_pdbx_nonpoly_scheme.pdb_strand_id 
_pdbx_nonpoly_scheme.pdb_ins_code 
B 2 MPD 1 301 92  MPD MPD A . 
C 2 MPD 1 302 94  MPD MPD A . 
D 3 HOH 1 401 101 HOH HOH A . 
D 3 HOH 2 402 103 HOH HOH A . 
D 3 HOH 3 403 102 HOH HOH A . 
# 
loop_
_pdbx_unobs_or_zero_occ_atoms.id 
_pdbx_unobs_or_zero_occ_atoms.PDB_model_num 
_pdbx_unobs_or_zero_occ_atoms.polymer_flag 
_pdbx_unobs_or_zero_occ_atoms.occupancy_flag 
_pdbx_unobs_or_zero_occ_atoms.auth_asym_id 
_pdbx_unobs_or_zero_occ_atoms.auth_comp_id 
_pdbx_unobs_or_zero_occ_atoms.auth_seq_id 
_pdbx_unobs_or_zero_occ_atoms.PDB_ins_code 
_pdbx_unobs_or_zero_occ_atoms.auth_atom_id 
_pdbx_unobs_or_zero_occ_atoms.label_alt_id 
_pdbx_unobs_or_zero_occ_atoms.label_asym_id 
_pdbx_unobs_or_zero_occ_atoms.label_comp_id 
_pdbx_unobs_or_zero_occ_atoms.label_seq_id 
_pdbx_unobs_or_zero_occ_atoms.label_atom_id 
1  1 Y 1 A ASP 226 ? CG  ? A ASP 8  CG  
2  1 Y 1 A ASP 226 ? OD1 ? A ASP 8  OD1 
3  1 Y 1 A ASP 226 ? OD2 ? A ASP 8  OD2 
4  1 Y 1 A LYS 259 ? CE  ? A LYS 41 CE  
5  1 Y 1 A LYS 259 ? NZ  ? A LYS 41 NZ  
6  1 Y 1 A GLN 260 ? CD  ? A GLN 42 CD  
7  1 Y 1 A GLN 260 ? OE1 ? A GLN 42 OE1 
8  1 Y 1 A GLN 260 ? NE2 ? A GLN 42 NE2 
9  1 Y 1 A ARG 262 ? NE  ? A ARG 44 NE  
10 1 Y 1 A ARG 262 ? CZ  ? A ARG 44 CZ  
11 1 Y 1 A ARG 262 ? NH1 ? A ARG 44 NH1 
12 1 Y 1 A ARG 262 ? NH2 ? A ARG 44 NH2 
# 
loop_
_software.citation_id 
_software.classification 
_software.compiler_name 
_software.compiler_version 
_software.contact_author 
_software.contact_author_email 
_software.date 
_software.description 
_software.dependencies 
_software.hardware 
_software.language 
_software.location 
_software.mods 
_software.name 
_software.os 
_software.os_version 
_software.type 
_software.version 
_software.pdbx_ordinal 
? refinement       ? ? ? ? ? ? ? ? ? ? ? REFMAC ? ? ? 5.8.0073 1 
? 'data reduction' ? ? ? ? ? ? ? ? ? ? ? MOSFLM ? ? ? .        2 
? 'data scaling'   ? ? ? ? ? ? ? ? ? ? ? XDS    ? ? ? .        3 
? phasing          ? ? ? ? ? ? ? ? ? ? ? PHASER ? ? ? .        4 
# 
_cell.angle_alpha                  90.00 
_cell.angle_alpha_esd              ? 
_cell.angle_beta                   90.00 
_cell.angle_beta_esd               ? 
_cell.angle_gamma                  90.00 
_cell.angle_gamma_esd              ? 
_cell.entry_id                     6FPK 
_cell.details                      ? 
_cell.formula_units_Z              ? 
_cell.length_a                     56.096 
_cell.length_a_esd                 ? 
_cell.length_b                     82.555 
_cell.length_b_esd                 ? 
_cell.length_c                     29.813 
_cell.length_c_esd                 ? 
_cell.volume                       ? 
_cell.volume_esd                   ? 
_cell.Z_PDB                        8 
_cell.reciprocal_angle_alpha       ? 
_cell.reciprocal_angle_beta        ? 
_cell.reciprocal_angle_gamma       ? 
_cell.reciprocal_angle_alpha_esd   ? 
_cell.reciprocal_angle_beta_esd    ? 
_cell.reciprocal_angle_gamma_esd   ? 
_cell.reciprocal_length_a          ? 
_cell.reciprocal_length_b          ? 
_cell.reciprocal_length_c          ? 
_cell.reciprocal_length_a_esd      ? 
_cell.reciprocal_length_b_esd      ? 
_cell.reciprocal_length_c_esd      ? 
_cell.pdbx_unique_axis             ? 
# 
_symmetry.entry_id                         6FPK 
_symmetry.cell_setting                     ? 
_symmetry.Int_Tables_number                20 
_symmetry.space_group_name_Hall            ? 
_symmetry.space_group_name_H-M             'C 2 2 21' 
_symmetry.pdbx_full_space_group_name_H-M   ? 
# 
_exptl.absorpt_coefficient_mu     ? 
_exptl.absorpt_correction_T_max   ? 
_exptl.absorpt_correction_T_min   ? 
_exptl.absorpt_correction_type    ? 
_exptl.absorpt_process_details    ? 
_exptl.entry_id                   6FPK 
_exptl.crystals_number            1 
_exptl.details                    ? 
_exptl.method                     'X-RAY DIFFRACTION' 
_exptl.method_details             ? 
# 
_exptl_crystal.colour                      ? 
_exptl_crystal.density_diffrn              ? 
_exptl_crystal.density_Matthews            2.49 
_exptl_crystal.density_method              ? 
_exptl_crystal.density_percent_sol         50.62 
_exptl_crystal.description                 ? 
_exptl_crystal.F_000                       ? 
_exptl_crystal.id                          1 
_exptl_crystal.preparation                 ? 
_exptl_crystal.size_max                    ? 
_exptl_crystal.size_mid                    ? 
_exptl_crystal.size_min                    ? 
_exptl_crystal.size_rad                    ? 
_exptl_crystal.colour_lustre               ? 
_exptl_crystal.colour_modifier             ? 
_exptl_crystal.colour_primary              ? 
_exptl_crystal.density_meas                ? 
_exptl_crystal.density_meas_esd            ? 
_exptl_crystal.density_meas_gt             ? 
_exptl_crystal.density_meas_lt             ? 
_exptl_crystal.density_meas_temp           ? 
_exptl_crystal.density_meas_temp_esd       ? 
_exptl_crystal.density_meas_temp_gt        ? 
_exptl_crystal.density_meas_temp_lt        ? 
_exptl_crystal.pdbx_crystal_image_url      ? 
_exptl_crystal.pdbx_crystal_image_format   ? 
_exptl_crystal.pdbx_mosaicity              ? 
_exptl_crystal.pdbx_mosaicity_esd          ? 
# 
_exptl_crystal_grow.apparatus       ? 
_exptl_crystal_grow.atmosphere      ? 
_exptl_crystal_grow.crystal_id      1 
_exptl_crystal_grow.details         ? 
_exptl_crystal_grow.method          'VAPOR DIFFUSION, HANGING DROP' 
_exptl_crystal_grow.method_ref      ? 
_exptl_crystal_grow.pH              ? 
_exptl_crystal_grow.pressure        ? 
_exptl_crystal_grow.pressure_esd    ? 
_exptl_crystal_grow.seeding         ? 
_exptl_crystal_grow.seeding_ref     ? 
_exptl_crystal_grow.temp            293 
_exptl_crystal_grow.temp_details    ? 
_exptl_crystal_grow.temp_esd        ? 
_exptl_crystal_grow.time            ? 
_exptl_crystal_grow.pdbx_details    
;21% MPD
0.05M NaCacodylate pH=6.2
;
_exptl_crystal_grow.pdbx_pH_range   ? 
# 
_diffrn.ambient_environment    ? 
_diffrn.ambient_temp           100 
_diffrn.ambient_temp_details   ? 
_diffrn.ambient_temp_esd       ? 
_diffrn.crystal_id             1 
_diffrn.crystal_support        ? 
_diffrn.crystal_treatment      ? 
_diffrn.details                ? 
_diffrn.id                     1 
_diffrn.ambient_pressure       ? 
_diffrn.ambient_pressure_esd   ? 
_diffrn.ambient_pressure_gt    ? 
_diffrn.ambient_pressure_lt    ? 
_diffrn.ambient_temp_gt        ? 
_diffrn.ambient_temp_lt        ? 
# 
_diffrn_detector.details                      ? 
_diffrn_detector.detector                     CCD 
_diffrn_detector.diffrn_id                    1 
_diffrn_detector.type                         'MARMOSAIC 225 mm CCD' 
_diffrn_detector.area_resol_mean              ? 
_diffrn_detector.dtime                        ? 
_diffrn_detector.pdbx_frames_total            ? 
_diffrn_detector.pdbx_collection_time_total   ? 
_diffrn_detector.pdbx_collection_date         2015-12-15 
# 
_diffrn_radiation.collimation                      ? 
_diffrn_radiation.diffrn_id                        1 
_diffrn_radiation.filter_edge                      ? 
_diffrn_radiation.inhomogeneity                    ? 
_diffrn_radiation.monochromator                    ? 
_diffrn_radiation.polarisn_norm                    ? 
_diffrn_radiation.polarisn_ratio                   ? 
_diffrn_radiation.probe                            ? 
_diffrn_radiation.type                             ? 
_diffrn_radiation.xray_symbol                      ? 
_diffrn_radiation.wavelength_id                    1 
_diffrn_radiation.pdbx_monochromatic_or_laue_m_l   M 
_diffrn_radiation.pdbx_wavelength_list             ? 
_diffrn_radiation.pdbx_wavelength                  ? 
_diffrn_radiation.pdbx_diffrn_protocol             'SINGLE WAVELENGTH' 
_diffrn_radiation.pdbx_analyzer                    ? 
_diffrn_radiation.pdbx_scattering_type             x-ray 
# 
_diffrn_radiation_wavelength.id           1 
_diffrn_radiation_wavelength.wavelength   0.953723 
_diffrn_radiation_wavelength.wt           1.0 
# 
_diffrn_source.current                     ? 
_diffrn_source.details                     ? 
_diffrn_source.diffrn_id                   1 
_diffrn_source.power                       ? 
_diffrn_source.size                        ? 
_diffrn_source.source                      SYNCHROTRON 
_diffrn_source.target                      ? 
_diffrn_source.type                        'ESRF BEAMLINE BM14' 
_diffrn_source.voltage                     ? 
_diffrn_source.take-off_angle              ? 
_diffrn_source.pdbx_wavelength_list        0.953723 
_diffrn_source.pdbx_wavelength             ? 
_diffrn_source.pdbx_synchrotron_beamline   BM14 
_diffrn_source.pdbx_synchrotron_site       ESRF 
# 
_reflns.B_iso_Wilson_estimate            ? 
_reflns.entry_id                         6FPK 
_reflns.data_reduction_details           ? 
_reflns.data_reduction_method            ? 
_reflns.d_resolution_high                1.95 
_reflns.d_resolution_low                 46.4 
_reflns.details                          ? 
_reflns.limit_h_max                      ? 
_reflns.limit_h_min                      ? 
_reflns.limit_k_max                      ? 
_reflns.limit_k_min                      ? 
_reflns.limit_l_max                      ? 
_reflns.limit_l_min                      ? 
_reflns.number_all                       ? 
_reflns.number_obs                       5318 
_reflns.observed_criterion               ? 
_reflns.observed_criterion_F_max         ? 
_reflns.observed_criterion_F_min         ? 
_reflns.observed_criterion_I_max         ? 
_reflns.observed_criterion_I_min         ? 
_reflns.observed_criterion_sigma_F       0 
_reflns.observed_criterion_sigma_I       ? 
_reflns.percent_possible_obs             99.66 
_reflns.R_free_details                   ? 
_reflns.Rmerge_F_all                     ? 
_reflns.Rmerge_F_obs                     ? 
_reflns.Friedel_coverage                 ? 
_reflns.number_gt                        ? 
_reflns.threshold_expression             ? 
_reflns.pdbx_redundancy                  7.1 
_reflns.pdbx_Rmerge_I_obs                ? 
_reflns.pdbx_Rmerge_I_all                ? 
_reflns.pdbx_Rsym_value                  0.069 
_reflns.pdbx_netI_over_av_sigmaI         ? 
_reflns.pdbx_netI_over_sigmaI            19.66 
_reflns.pdbx_res_netI_over_av_sigmaI_2   ? 
_reflns.pdbx_res_netI_over_sigmaI_2      ? 
_reflns.pdbx_chi_squared                 ? 
_reflns.pdbx_scaling_rejects             ? 
_reflns.pdbx_d_res_high_opt              ? 
_reflns.pdbx_d_res_low_opt               ? 
_reflns.pdbx_d_res_opt_method            ? 
_reflns.phase_calculation_details        ? 
_reflns.pdbx_Rrim_I_all                  ? 
_reflns.pdbx_Rpim_I_all                  ? 
_reflns.pdbx_d_opt                       ? 
_reflns.pdbx_number_measured_all         ? 
_reflns.pdbx_diffrn_id                   1 
_reflns.pdbx_ordinal                     1 
_reflns.pdbx_CC_half                     ? 
_reflns.pdbx_R_split                     ? 
# 
_reflns_shell.d_res_high                  1.95 
_reflns_shell.d_res_low                   2.02 
_reflns_shell.meanI_over_sigI_all         ? 
_reflns_shell.meanI_over_sigI_obs         3.6 
_reflns_shell.number_measured_all         ? 
_reflns_shell.number_measured_obs         ? 
_reflns_shell.number_possible             ? 
_reflns_shell.number_unique_all           ? 
_reflns_shell.number_unique_obs           519 
_reflns_shell.percent_possible_all        100 
_reflns_shell.percent_possible_obs        ? 
_reflns_shell.Rmerge_F_all                ? 
_reflns_shell.Rmerge_F_obs                ? 
_reflns_shell.Rmerge_I_all                ? 
_reflns_shell.Rmerge_I_obs                ? 
_reflns_shell.meanI_over_sigI_gt          ? 
_reflns_shell.meanI_over_uI_all           ? 
_reflns_shell.meanI_over_uI_gt            ? 
_reflns_shell.number_measured_gt          ? 
_reflns_shell.number_unique_gt            ? 
_reflns_shell.percent_possible_gt         ? 
_reflns_shell.Rmerge_F_gt                 ? 
_reflns_shell.Rmerge_I_gt                 ? 
_reflns_shell.pdbx_redundancy             7.3 
_reflns_shell.pdbx_Rsym_value             0.576 
_reflns_shell.pdbx_chi_squared            ? 
_reflns_shell.pdbx_netI_over_sigmaI_all   ? 
_reflns_shell.pdbx_netI_over_sigmaI_obs   ? 
_reflns_shell.pdbx_Rrim_I_all             ? 
_reflns_shell.pdbx_Rpim_I_all             ? 
_reflns_shell.pdbx_rejects                ? 
_reflns_shell.pdbx_ordinal                1 
_reflns_shell.pdbx_diffrn_id              1 
_reflns_shell.pdbx_CC_half                ? 
_reflns_shell.pdbx_R_split                ? 
# 
_refine.aniso_B[1][1]                            -0.19 
_refine.aniso_B[1][2]                            0.00 
_refine.aniso_B[1][3]                            -0.00 
_refine.aniso_B[2][2]                            -0.08 
_refine.aniso_B[2][3]                            0.00 
_refine.aniso_B[3][3]                            0.27 
_refine.B_iso_max                                ? 
_refine.B_iso_mean                               34.575 
_refine.B_iso_min                                ? 
_refine.correlation_coeff_Fo_to_Fc               0.939 
_refine.correlation_coeff_Fo_to_Fc_free          0.913 
_refine.details                                  'HYDROGENS HAVE BEEN ADDED IN THE RIDING POSITIONS' 
_refine.diff_density_max                         ? 
_refine.diff_density_max_esd                     ? 
_refine.diff_density_min                         ? 
_refine.diff_density_min_esd                     ? 
_refine.diff_density_rms                         ? 
_refine.diff_density_rms_esd                     ? 
_refine.entry_id                                 6FPK 
_refine.pdbx_refine_id                           'X-RAY DIFFRACTION' 
_refine.ls_abs_structure_details                 ? 
_refine.ls_abs_structure_Flack                   ? 
_refine.ls_abs_structure_Flack_esd               ? 
_refine.ls_abs_structure_Rogers                  ? 
_refine.ls_abs_structure_Rogers_esd              ? 
_refine.ls_d_res_high                            1.95 
_refine.ls_d_res_low                             46.40 
_refine.ls_extinction_coef                       ? 
_refine.ls_extinction_coef_esd                   ? 
_refine.ls_extinction_expression                 ? 
_refine.ls_extinction_method                     ? 
_refine.ls_goodness_of_fit_all                   ? 
_refine.ls_goodness_of_fit_all_esd               ? 
_refine.ls_goodness_of_fit_obs                   ? 
_refine.ls_goodness_of_fit_obs_esd               ? 
_refine.ls_hydrogen_treatment                    ? 
_refine.ls_matrix_type                           ? 
_refine.ls_number_constraints                    ? 
_refine.ls_number_parameters                     ? 
_refine.ls_number_reflns_all                     ? 
_refine.ls_number_reflns_obs                     4767 
_refine.ls_number_reflns_R_free                  551 
_refine.ls_number_reflns_R_work                  ? 
_refine.ls_number_restraints                     ? 
_refine.ls_percent_reflns_obs                    99.70 
_refine.ls_percent_reflns_R_free                 10.4 
_refine.ls_R_factor_all                          ? 
_refine.ls_R_factor_obs                          0.21406 
_refine.ls_R_factor_R_free                       0.23380 
_refine.ls_R_factor_R_free_error                 ? 
_refine.ls_R_factor_R_free_error_details         ? 
_refine.ls_R_factor_R_work                       0.21182 
_refine.ls_R_Fsqd_factor_obs                     ? 
_refine.ls_R_I_factor_obs                        ? 
_refine.ls_redundancy_reflns_all                 ? 
_refine.ls_redundancy_reflns_obs                 ? 
_refine.ls_restrained_S_all                      ? 
_refine.ls_restrained_S_obs                      ? 
_refine.ls_shift_over_esd_max                    ? 
_refine.ls_shift_over_esd_mean                   ? 
_refine.ls_structure_factor_coef                 ? 
_refine.ls_weighting_details                     ? 
_refine.ls_weighting_scheme                      ? 
_refine.ls_wR_factor_all                         ? 
_refine.ls_wR_factor_obs                         ? 
_refine.ls_wR_factor_R_free                      ? 
_refine.ls_wR_factor_R_work                      ? 
_refine.occupancy_max                            ? 
_refine.occupancy_min                            ? 
_refine.solvent_model_details                    MASK 
_refine.solvent_model_param_bsol                 ? 
_refine.solvent_model_param_ksol                 ? 
_refine.ls_R_factor_gt                           ? 
_refine.ls_goodness_of_fit_gt                    ? 
_refine.ls_goodness_of_fit_ref                   ? 
_refine.ls_shift_over_su_max                     ? 
_refine.ls_shift_over_su_max_lt                  ? 
_refine.ls_shift_over_su_mean                    ? 
_refine.ls_shift_over_su_mean_lt                 ? 
_refine.pdbx_ls_sigma_I                          ? 
_refine.pdbx_ls_sigma_F                          ? 
_refine.pdbx_ls_sigma_Fsqd                       ? 
_refine.pdbx_data_cutoff_high_absF               ? 
_refine.pdbx_data_cutoff_high_rms_absF           ? 
_refine.pdbx_data_cutoff_low_absF                ? 
_refine.pdbx_isotropic_thermal_model             ? 
_refine.pdbx_ls_cross_valid_method               THROUGHOUT 
_refine.pdbx_method_to_determine_struct          'MOLECULAR REPLACEMENT' 
_refine.pdbx_starting_model                      2QY9 
_refine.pdbx_stereochemistry_target_values       'MAXIMUM LIKELIHOOD' 
_refine.pdbx_R_Free_selection_details            RANDOM 
_refine.pdbx_stereochem_target_val_spec_case     ? 
_refine.pdbx_overall_ESU_R                       0.161 
_refine.pdbx_overall_ESU_R_Free                  0.142 
_refine.pdbx_solvent_vdw_probe_radii             1.20 
_refine.pdbx_solvent_ion_probe_radii             0.80 
_refine.pdbx_solvent_shrinkage_radii             0.80 
_refine.pdbx_real_space_R                        ? 
_refine.pdbx_density_correlation                 ? 
_refine.pdbx_pd_number_of_powder_patterns        ? 
_refine.pdbx_pd_number_of_points                 ? 
_refine.pdbx_pd_meas_number_of_points            ? 
_refine.pdbx_pd_proc_ls_prof_R_factor            ? 
_refine.pdbx_pd_proc_ls_prof_wR_factor           ? 
_refine.pdbx_pd_Marquardt_correlation_coeff      ? 
_refine.pdbx_pd_Fsqrd_R_factor                   ? 
_refine.pdbx_pd_ls_matrix_band_width             ? 
_refine.pdbx_overall_phase_error                 ? 
_refine.pdbx_overall_SU_R_free_Cruickshank_DPI   ? 
_refine.pdbx_overall_SU_R_free_Blow_DPI          ? 
_refine.pdbx_overall_SU_R_Blow_DPI               ? 
_refine.pdbx_TLS_residual_ADP_flag               ? 
_refine.pdbx_diffrn_id                           1 
_refine.overall_SU_B                             3.478 
_refine.overall_SU_ML                            0.099 
_refine.overall_SU_R_Cruickshank_DPI             ? 
_refine.overall_SU_R_free                        ? 
_refine.overall_FOM_free_R_set                   ? 
_refine.overall_FOM_work_R_set                   ? 
_refine.pdbx_average_fsc_overall                 ? 
_refine.pdbx_average_fsc_work                    ? 
_refine.pdbx_average_fsc_free                    ? 
# 
_refine_hist.pdbx_refine_id                   'X-RAY DIFFRACTION' 
_refine_hist.cycle_id                         1 
_refine_hist.pdbx_number_atoms_protein        407 
_refine_hist.pdbx_number_atoms_nucleic_acid   0 
_refine_hist.pdbx_number_atoms_ligand         16 
_refine_hist.number_atoms_solvent             3 
_refine_hist.number_atoms_total               426 
_refine_hist.d_res_high                       1.95 
_refine_hist.d_res_low                        46.40 
# 
loop_
_refine_ls_restr.pdbx_refine_id 
_refine_ls_restr.criterion 
_refine_ls_restr.dev_ideal 
_refine_ls_restr.dev_ideal_target 
_refine_ls_restr.number 
_refine_ls_restr.rejects 
_refine_ls_restr.type 
_refine_ls_restr.weight 
_refine_ls_restr.pdbx_restraint_function 
'X-RAY DIFFRACTION' ? 0.021  0.019  423 ? r_bond_refined_d             ? ? 
'X-RAY DIFFRACTION' ? 0.003  0.020  435 ? r_bond_other_d               ? ? 
'X-RAY DIFFRACTION' ? 2.353  2.069  570 ? r_angle_refined_deg          ? ? 
'X-RAY DIFFRACTION' ? 1.250  3.000  992 ? r_angle_other_deg            ? ? 
'X-RAY DIFFRACTION' ? 4.428  5.000  52  ? r_dihedral_angle_1_deg       ? ? 
'X-RAY DIFFRACTION' ? 33.600 26.471 17  ? r_dihedral_angle_2_deg       ? ? 
'X-RAY DIFFRACTION' ? 13.726 15.000 79  ? r_dihedral_angle_3_deg       ? ? 
'X-RAY DIFFRACTION' ? 8.218  15.000 2   ? r_dihedral_angle_4_deg       ? ? 
'X-RAY DIFFRACTION' ? 0.120  0.200  73  ? r_chiral_restr               ? ? 
'X-RAY DIFFRACTION' ? 0.008  0.020  445 ? r_gen_planes_refined         ? ? 
'X-RAY DIFFRACTION' ? 0.001  0.020  73  ? r_gen_planes_other           ? ? 
'X-RAY DIFFRACTION' ? ?      ?      ?   ? r_nbd_refined                ? ? 
'X-RAY DIFFRACTION' ? ?      ?      ?   ? r_nbd_other                  ? ? 
'X-RAY DIFFRACTION' ? ?      ?      ?   ? r_nbtor_refined              ? ? 
'X-RAY DIFFRACTION' ? ?      ?      ?   ? r_nbtor_other                ? ? 
'X-RAY DIFFRACTION' ? ?      ?      ?   ? r_xyhbond_nbd_refined        ? ? 
'X-RAY DIFFRACTION' ? ?      ?      ?   ? r_xyhbond_nbd_other          ? ? 
'X-RAY DIFFRACTION' ? ?      ?      ?   ? r_metal_ion_refined          ? ? 
'X-RAY DIFFRACTION' ? ?      ?      ?   ? r_metal_ion_other            ? ? 
'X-RAY DIFFRACTION' ? ?      ?      ?   ? r_symmetry_vdw_refined       ? ? 
'X-RAY DIFFRACTION' ? ?      ?      ?   ? r_symmetry_vdw_other         ? ? 
'X-RAY DIFFRACTION' ? ?      ?      ?   ? r_symmetry_hbond_refined     ? ? 
'X-RAY DIFFRACTION' ? ?      ?      ?   ? r_symmetry_hbond_other       ? ? 
'X-RAY DIFFRACTION' ? ?      ?      ?   ? r_symmetry_metal_ion_refined ? ? 
'X-RAY DIFFRACTION' ? ?      ?      ?   ? r_symmetry_metal_ion_other   ? ? 
'X-RAY DIFFRACTION' ? 3.115  2.890  211 ? r_mcbond_it                  ? ? 
'X-RAY DIFFRACTION' ? 3.111  2.878  210 ? r_mcbond_other               ? ? 
'X-RAY DIFFRACTION' ? 3.822  4.288  262 ? r_mcangle_it                 ? ? 
'X-RAY DIFFRACTION' ? 3.818  4.304  263 ? r_mcangle_other              ? ? 
'X-RAY DIFFRACTION' ? 4.052  3.920  211 ? r_scbond_it                  ? ? 
'X-RAY DIFFRACTION' ? 4.043  3.977  212 ? r_scbond_other               ? ? 
'X-RAY DIFFRACTION' ? ?      ?      ?   ? r_scangle_it                 ? ? 
'X-RAY DIFFRACTION' ? 6.258  5.734  308 ? r_scangle_other              ? ? 
'X-RAY DIFFRACTION' ? 7.945  23.766 479 ? r_long_range_B_refined       ? ? 
'X-RAY DIFFRACTION' ? 7.939  24.050 480 ? r_long_range_B_other         ? ? 
'X-RAY DIFFRACTION' ? ?      ?      ?   ? r_rigid_bond_restr           ? ? 
'X-RAY DIFFRACTION' ? ?      ?      ?   ? r_sphericity_free            ? ? 
'X-RAY DIFFRACTION' ? ?      ?      ?   ? r_sphericity_bonded          ? ? 
# 
_refine_ls_shell.pdbx_refine_id                   'X-RAY DIFFRACTION' 
_refine_ls_shell.d_res_high                       1.950 
_refine_ls_shell.d_res_low                        2.001 
_refine_ls_shell.number_reflns_all                ? 
_refine_ls_shell.number_reflns_obs                ? 
_refine_ls_shell.number_reflns_R_free             41 
_refine_ls_shell.number_reflns_R_work             361 
_refine_ls_shell.percent_reflns_obs               100.00 
_refine_ls_shell.percent_reflns_R_free            ? 
_refine_ls_shell.R_factor_all                     ? 
_refine_ls_shell.R_factor_obs                     ? 
_refine_ls_shell.R_factor_R_free                  0.282 
_refine_ls_shell.R_factor_R_free_error            ? 
_refine_ls_shell.R_factor_R_work                  0.267 
_refine_ls_shell.redundancy_reflns_all            ? 
_refine_ls_shell.redundancy_reflns_obs            ? 
_refine_ls_shell.wR_factor_all                    ? 
_refine_ls_shell.wR_factor_obs                    ? 
_refine_ls_shell.wR_factor_R_free                 ? 
_refine_ls_shell.wR_factor_R_work                 ? 
_refine_ls_shell.pdbx_total_number_of_bins_used   20 
_refine_ls_shell.pdbx_phase_error                 ? 
_refine_ls_shell.pdbx_fsc_work                    ? 
_refine_ls_shell.pdbx_fsc_free                    ? 
# 
_struct.entry_id                     6FPK 
_struct.title                        
'Co-translational folding intermediate dictates membrane targeting of the signal recognition particle (SRP)- receptor' 
_struct.pdbx_model_details           ? 
_struct.pdbx_formula_weight          ? 
_struct.pdbx_formula_weight_method   ? 
_struct.pdbx_model_type_details      ? 
_struct.pdbx_CASP_flag               N 
# 
_struct_keywords.entry_id        6FPK 
_struct_keywords.text            'Membrane binding protein' 
_struct_keywords.pdbx_keywords   'Membrane binding protein' 
# 
loop_
_struct_asym.id 
_struct_asym.pdbx_blank_PDB_chainid_flag 
_struct_asym.pdbx_modified 
_struct_asym.entity_id 
_struct_asym.details 
A N N 1 ? 
B N N 2 ? 
C N N 2 ? 
D N N 3 ? 
# 
_struct_ref.id                         1 
_struct_ref.db_name                    UNP 
_struct_ref.db_code                    FTSY_ECOLI 
_struct_ref.pdbx_db_accession          P10121 
_struct_ref.pdbx_db_isoform            ? 
_struct_ref.entity_id                  1 
_struct_ref.pdbx_seq_one_letter_code   KKIDDDLFEELEEQLLIADVGVETTRKIITNLTEGASRKQLRDAEALYGLLKEEMGEILA 
_struct_ref.pdbx_align_begin           221 
# 
_struct_ref_seq.align_id                      1 
_struct_ref_seq.ref_id                        1 
_struct_ref_seq.pdbx_PDB_id_code              6FPK 
_struct_ref_seq.pdbx_strand_id                A 
_struct_ref_seq.seq_align_beg                 3 
_struct_ref_seq.pdbx_seq_align_beg_ins_code   ? 
_struct_ref_seq.seq_align_end                 62 
_struct_ref_seq.pdbx_seq_align_end_ins_code   ? 
_struct_ref_seq.pdbx_db_accession             P10121 
_struct_ref_seq.db_align_beg                  221 
_struct_ref_seq.pdbx_db_align_beg_ins_code    ? 
_struct_ref_seq.db_align_end                  280 
_struct_ref_seq.pdbx_db_align_end_ins_code    ? 
_struct_ref_seq.pdbx_auth_seq_align_beg       221 
_struct_ref_seq.pdbx_auth_seq_align_end       280 
# 
loop_
_struct_ref_seq_dif.align_id 
_struct_ref_seq_dif.pdbx_pdb_id_code 
_struct_ref_seq_dif.mon_id 
_struct_ref_seq_dif.pdbx_pdb_strand_id 
_struct_ref_seq_dif.seq_num 
_struct_ref_seq_dif.pdbx_pdb_ins_code 
_struct_ref_seq_dif.pdbx_seq_db_name 
_struct_ref_seq_dif.pdbx_seq_db_accession_code 
_struct_ref_seq_dif.db_mon_id 
_struct_ref_seq_dif.pdbx_seq_db_seq_num 
_struct_ref_seq_dif.details 
_struct_ref_seq_dif.pdbx_auth_seq_num 
_struct_ref_seq_dif.pdbx_ordinal 
1 6FPK GLY A 1 ? UNP P10121 ? ? 'expression tag' 219 1 
1 6FPK SER A 2 ? UNP P10121 ? ? 'expression tag' 220 2 
# 
_pdbx_struct_assembly.id                   1 
_pdbx_struct_assembly.details              author_and_software_defined_assembly 
_pdbx_struct_assembly.method_details       PISA 
_pdbx_struct_assembly.oligomeric_details   monomeric 
_pdbx_struct_assembly.oligomeric_count     1 
# 
loop_
_pdbx_struct_assembly_prop.biol_id 
_pdbx_struct_assembly_prop.type 
_pdbx_struct_assembly_prop.value 
_pdbx_struct_assembly_prop.details 
1 'ABSA (A^2)' 270  ? 
1 MORE         -7   ? 
1 'SSA (A^2)'  5370 ? 
# 
_pdbx_struct_assembly_gen.assembly_id       1 
_pdbx_struct_assembly_gen.oper_expression   1 
_pdbx_struct_assembly_gen.asym_id_list      A,B,C,D 
# 
_pdbx_struct_assembly_auth_evidence.id                     1 
_pdbx_struct_assembly_auth_evidence.assembly_id            1 
_pdbx_struct_assembly_auth_evidence.experimental_support   'gel filtration' 
_pdbx_struct_assembly_auth_evidence.details                ? 
# 
_pdbx_struct_oper_list.id                   1 
_pdbx_struct_oper_list.type                 'identity operation' 
_pdbx_struct_oper_list.name                 1_555 
_pdbx_struct_oper_list.symmetry_operation   x,y,z 
_pdbx_struct_oper_list.matrix[1][1]         1.0000000000 
_pdbx_struct_oper_list.matrix[1][2]         0.0000000000 
_pdbx_struct_oper_list.matrix[1][3]         0.0000000000 
_pdbx_struct_oper_list.vector[1]            0.0000000000 
_pdbx_struct_oper_list.matrix[2][1]         0.0000000000 
_pdbx_struct_oper_list.matrix[2][2]         1.0000000000 
_pdbx_struct_oper_list.matrix[2][3]         0.0000000000 
_pdbx_struct_oper_list.vector[2]            0.0000000000 
_pdbx_struct_oper_list.matrix[3][1]         0.0000000000 
_pdbx_struct_oper_list.matrix[3][2]         0.0000000000 
_pdbx_struct_oper_list.matrix[3][3]         1.0000000000 
_pdbx_struct_oper_list.vector[3]            0.0000000000 
# 
_struct_conf.conf_type_id            HELX_P 
_struct_conf.id                      HELX_P1 
_struct_conf.pdbx_PDB_helix_id       AA1 
_struct_conf.beg_label_comp_id       ASP 
_struct_conf.beg_label_asym_id       A 
_struct_conf.beg_label_seq_id        7 
_struct_conf.pdbx_beg_PDB_ins_code   ? 
_struct_conf.end_label_comp_id       GLU 
_struct_conf.end_label_asym_id       A 
_struct_conf.end_label_seq_id        59 
_struct_conf.pdbx_end_PDB_ins_code   ? 
_struct_conf.beg_auth_comp_id        ASP 
_struct_conf.beg_auth_asym_id        A 
_struct_conf.beg_auth_seq_id         225 
_struct_conf.end_auth_comp_id        GLU 
_struct_conf.end_auth_asym_id        A 
_struct_conf.end_auth_seq_id         277 
_struct_conf.pdbx_PDB_helix_class    1 
_struct_conf.details                 ? 
_struct_conf.pdbx_PDB_helix_length   53 
# 
_struct_conf_type.id          HELX_P 
_struct_conf_type.criteria    ? 
_struct_conf_type.reference   ? 
# 
loop_
_struct_site.id 
_struct_site.pdbx_evidence_code 
_struct_site.pdbx_auth_asym_id 
_struct_site.pdbx_auth_comp_id 
_struct_site.pdbx_auth_seq_id 
_struct_site.pdbx_auth_ins_code 
_struct_site.pdbx_num_residues 
_struct_site.details 
AC1 Software A MPD 301 ? 3 'binding site for residue MPD A 301' 
AC2 Software A MPD 302 ? 4 'binding site for residue MPD A 302' 
# 
loop_
_struct_site_gen.id 
_struct_site_gen.site_id 
_struct_site_gen.pdbx_num_res 
_struct_site_gen.label_comp_id 
_struct_site_gen.label_asym_id 
_struct_site_gen.label_seq_id 
_struct_site_gen.pdbx_auth_ins_code 
_struct_site_gen.auth_comp_id 
_struct_site_gen.auth_asym_id 
_struct_site_gen.auth_seq_id 
_struct_site_gen.label_atom_id 
_struct_site_gen.label_alt_id 
_struct_site_gen.symmetry 
_struct_site_gen.details 
1 AC1 3 ARG A 28 ? ARG A 246 . ? 1_555 ? 
2 AC1 3 GLU A 47 ? GLU A 265 . ? 6_564 ? 
3 AC1 3 MET A 57 ? MET A 275 . ? 7_546 ? 
4 AC2 4 ASP A 21 ? ASP A 239 . ? 1_555 ? 
5 AC2 4 TYR A 50 ? TYR A 268 . ? 6_564 ? 
6 AC2 4 MET A 57 ? MET A 275 . ? 6_564 ? 
7 AC2 4 HOH D .  ? HOH A 401 . ? 6_564 ? 
# 
_pdbx_validate_symm_contact.id                1 
_pdbx_validate_symm_contact.PDB_model_num     1 
_pdbx_validate_symm_contact.auth_atom_id_1    OE2 
_pdbx_validate_symm_contact.auth_asym_id_1    A 
_pdbx_validate_symm_contact.auth_comp_id_1    GLU 
_pdbx_validate_symm_contact.auth_seq_id_1     243 
_pdbx_validate_symm_contact.PDB_ins_code_1    ? 
_pdbx_validate_symm_contact.label_alt_id_1    ? 
_pdbx_validate_symm_contact.site_symmetry_1   1_555 
_pdbx_validate_symm_contact.auth_atom_id_2    OH 
_pdbx_validate_symm_contact.auth_asym_id_2    A 
_pdbx_validate_symm_contact.auth_comp_id_2    TYR 
_pdbx_validate_symm_contact.auth_seq_id_2     268 
_pdbx_validate_symm_contact.PDB_ins_code_2    ? 
_pdbx_validate_symm_contact.label_alt_id_2    ? 
_pdbx_validate_symm_contact.site_symmetry_2   6_564 
_pdbx_validate_symm_contact.dist              2.15 
# 
loop_
_pdbx_unobs_or_zero_occ_residues.id 
_pdbx_unobs_or_zero_occ_residues.PDB_model_num 
_pdbx_unobs_or_zero_occ_residues.polymer_flag 
_pdbx_unobs_or_zero_occ_residues.occupancy_flag 
_pdbx_unobs_or_zero_occ_residues.auth_asym_id 
_pdbx_unobs_or_zero_occ_residues.auth_comp_id 
_pdbx_unobs_or_zero_occ_residues.auth_seq_id 
_pdbx_unobs_or_zero_occ_residues.PDB_ins_code 
_pdbx_unobs_or_zero_occ_residues.label_asym_id 
_pdbx_unobs_or_zero_occ_residues.label_comp_id 
_pdbx_unobs_or_zero_occ_residues.label_seq_id 
1 1 Y 1 A GLY 219 ? A GLY 1  
2 1 Y 1 A SER 220 ? A SER 2  
3 1 Y 1 A LYS 221 ? A LYS 3  
4 1 Y 1 A LYS 222 ? A LYS 4  
5 1 Y 1 A ILE 223 ? A ILE 5  
6 1 Y 1 A ASP 224 ? A ASP 6  
7 1 Y 1 A ILE 278 ? A ILE 60 
8 1 Y 1 A LEU 279 ? A LEU 61 
9 1 Y 1 A ALA 280 ? A ALA 62 
# 
loop_
_chem_comp_atom.comp_id 
_chem_comp_atom.atom_id 
_chem_comp_atom.type_symbol 
_chem_comp_atom.pdbx_aromatic_flag 
_chem_comp_atom.pdbx_stereo_config 
_chem_comp_atom.pdbx_ordinal 
ALA N    N N N 1   
ALA CA   C N S 2   
ALA C    C N N 3   
ALA O    O N N 4   
ALA CB   C N N 5   
ALA OXT  O N N 6   
ALA H    H N N 7   
ALA H2   H N N 8   
ALA HA   H N N 9   
ALA HB1  H N N 10  
ALA HB2  H N N 11  
ALA HB3  H N N 12  
ALA HXT  H N N 13  
ARG N    N N N 14  
ARG CA   C N S 15  
ARG C    C N N 16  
ARG O    O N N 17  
ARG CB   C N N 18  
ARG CG   C N N 19  
ARG CD   C N N 20  
ARG NE   N N N 21  
ARG CZ   C N N 22  
ARG NH1  N N N 23  
ARG NH2  N N N 24  
ARG OXT  O N N 25  
ARG H    H N N 26  
ARG H2   H N N 27  
ARG HA   H N N 28  
ARG HB2  H N N 29  
ARG HB3  H N N 30  
ARG HG2  H N N 31  
ARG HG3  H N N 32  
ARG HD2  H N N 33  
ARG HD3  H N N 34  
ARG HE   H N N 35  
ARG HH11 H N N 36  
ARG HH12 H N N 37  
ARG HH21 H N N 38  
ARG HH22 H N N 39  
ARG HXT  H N N 40  
ASN N    N N N 41  
ASN CA   C N S 42  
ASN C    C N N 43  
ASN O    O N N 44  
ASN CB   C N N 45  
ASN CG   C N N 46  
ASN OD1  O N N 47  
ASN ND2  N N N 48  
ASN OXT  O N N 49  
ASN H    H N N 50  
ASN H2   H N N 51  
ASN HA   H N N 52  
ASN HB2  H N N 53  
ASN HB3  H N N 54  
ASN HD21 H N N 55  
ASN HD22 H N N 56  
ASN HXT  H N N 57  
ASP N    N N N 58  
ASP CA   C N S 59  
ASP C    C N N 60  
ASP O    O N N 61  
ASP CB   C N N 62  
ASP CG   C N N 63  
ASP OD1  O N N 64  
ASP OD2  O N N 65  
ASP OXT  O N N 66  
ASP H    H N N 67  
ASP H2   H N N 68  
ASP HA   H N N 69  
ASP HB2  H N N 70  
ASP HB3  H N N 71  
ASP HD2  H N N 72  
ASP HXT  H N N 73  
GLN N    N N N 74  
GLN CA   C N S 75  
GLN C    C N N 76  
GLN O    O N N 77  
GLN CB   C N N 78  
GLN CG   C N N 79  
GLN CD   C N N 80  
GLN OE1  O N N 81  
GLN NE2  N N N 82  
GLN OXT  O N N 83  
GLN H    H N N 84  
GLN H2   H N N 85  
GLN HA   H N N 86  
GLN HB2  H N N 87  
GLN HB3  H N N 88  
GLN HG2  H N N 89  
GLN HG3  H N N 90  
GLN HE21 H N N 91  
GLN HE22 H N N 92  
GLN HXT  H N N 93  
GLU N    N N N 94  
GLU CA   C N S 95  
GLU C    C N N 96  
GLU O    O N N 97  
GLU CB   C N N 98  
GLU CG   C N N 99  
GLU CD   C N N 100 
GLU OE1  O N N 101 
GLU OE2  O N N 102 
GLU OXT  O N N 103 
GLU H    H N N 104 
GLU H2   H N N 105 
GLU HA   H N N 106 
GLU HB2  H N N 107 
GLU HB3  H N N 108 
GLU HG2  H N N 109 
GLU HG3  H N N 110 
GLU HE2  H N N 111 
GLU HXT  H N N 112 
GLY N    N N N 113 
GLY CA   C N N 114 
GLY C    C N N 115 
GLY O    O N N 116 
GLY OXT  O N N 117 
GLY H    H N N 118 
GLY H2   H N N 119 
GLY HA2  H N N 120 
GLY HA3  H N N 121 
GLY HXT  H N N 122 
HOH O    O N N 123 
HOH H1   H N N 124 
HOH H2   H N N 125 
ILE N    N N N 126 
ILE CA   C N S 127 
ILE C    C N N 128 
ILE O    O N N 129 
ILE CB   C N S 130 
ILE CG1  C N N 131 
ILE CG2  C N N 132 
ILE CD1  C N N 133 
ILE OXT  O N N 134 
ILE H    H N N 135 
ILE H2   H N N 136 
ILE HA   H N N 137 
ILE HB   H N N 138 
ILE HG12 H N N 139 
ILE HG13 H N N 140 
ILE HG21 H N N 141 
ILE HG22 H N N 142 
ILE HG23 H N N 143 
ILE HD11 H N N 144 
ILE HD12 H N N 145 
ILE HD13 H N N 146 
ILE HXT  H N N 147 
LEU N    N N N 148 
LEU CA   C N S 149 
LEU C    C N N 150 
LEU O    O N N 151 
LEU CB   C N N 152 
LEU CG   C N N 153 
LEU CD1  C N N 154 
LEU CD2  C N N 155 
LEU OXT  O N N 156 
LEU H    H N N 157 
LEU H2   H N N 158 
LEU HA   H N N 159 
LEU HB2  H N N 160 
LEU HB3  H N N 161 
LEU HG   H N N 162 
LEU HD11 H N N 163 
LEU HD12 H N N 164 
LEU HD13 H N N 165 
LEU HD21 H N N 166 
LEU HD22 H N N 167 
LEU HD23 H N N 168 
LEU HXT  H N N 169 
LYS N    N N N 170 
LYS CA   C N S 171 
LYS C    C N N 172 
LYS O    O N N 173 
LYS CB   C N N 174 
LYS CG   C N N 175 
LYS CD   C N N 176 
LYS CE   C N N 177 
LYS NZ   N N N 178 
LYS OXT  O N N 179 
LYS H    H N N 180 
LYS H2   H N N 181 
LYS HA   H N N 182 
LYS HB2  H N N 183 
LYS HB3  H N N 184 
LYS HG2  H N N 185 
LYS HG3  H N N 186 
LYS HD2  H N N 187 
LYS HD3  H N N 188 
LYS HE2  H N N 189 
LYS HE3  H N N 190 
LYS HZ1  H N N 191 
LYS HZ2  H N N 192 
LYS HZ3  H N N 193 
LYS HXT  H N N 194 
MET N    N N N 195 
MET CA   C N S 196 
MET C    C N N 197 
MET O    O N N 198 
MET CB   C N N 199 
MET CG   C N N 200 
MET SD   S N N 201 
MET CE   C N N 202 
MET OXT  O N N 203 
MET H    H N N 204 
MET H2   H N N 205 
MET HA   H N N 206 
MET HB2  H N N 207 
MET HB3  H N N 208 
MET HG2  H N N 209 
MET HG3  H N N 210 
MET HE1  H N N 211 
MET HE2  H N N 212 
MET HE3  H N N 213 
MET HXT  H N N 214 
MPD C1   C N N 215 
MPD C2   C N N 216 
MPD O2   O N N 217 
MPD CM   C N N 218 
MPD C3   C N N 219 
MPD C4   C N S 220 
MPD O4   O N N 221 
MPD C5   C N N 222 
MPD H11  H N N 223 
MPD H12  H N N 224 
MPD H13  H N N 225 
MPD HO2  H N N 226 
MPD HM1  H N N 227 
MPD HM2  H N N 228 
MPD HM3  H N N 229 
MPD H31  H N N 230 
MPD H32  H N N 231 
MPD H4   H N N 232 
MPD HO4  H N N 233 
MPD H51  H N N 234 
MPD H52  H N N 235 
MPD H53  H N N 236 
PHE N    N N N 237 
PHE CA   C N S 238 
PHE C    C N N 239 
PHE O    O N N 240 
PHE CB   C N N 241 
PHE CG   C Y N 242 
PHE CD1  C Y N 243 
PHE CD2  C Y N 244 
PHE CE1  C Y N 245 
PHE CE2  C Y N 246 
PHE CZ   C Y N 247 
PHE OXT  O N N 248 
PHE H    H N N 249 
PHE H2   H N N 250 
PHE HA   H N N 251 
PHE HB2  H N N 252 
PHE HB3  H N N 253 
PHE HD1  H N N 254 
PHE HD2  H N N 255 
PHE HE1  H N N 256 
PHE HE2  H N N 257 
PHE HZ   H N N 258 
PHE HXT  H N N 259 
SER N    N N N 260 
SER CA   C N S 261 
SER C    C N N 262 
SER O    O N N 263 
SER CB   C N N 264 
SER OG   O N N 265 
SER OXT  O N N 266 
SER H    H N N 267 
SER H2   H N N 268 
SER HA   H N N 269 
SER HB2  H N N 270 
SER HB3  H N N 271 
SER HG   H N N 272 
SER HXT  H N N 273 
THR N    N N N 274 
THR CA   C N S 275 
THR C    C N N 276 
THR O    O N N 277 
THR CB   C N R 278 
THR OG1  O N N 279 
THR CG2  C N N 280 
THR OXT  O N N 281 
THR H    H N N 282 
THR H2   H N N 283 
THR HA   H N N 284 
THR HB   H N N 285 
THR HG1  H N N 286 
THR HG21 H N N 287 
THR HG22 H N N 288 
THR HG23 H N N 289 
THR HXT  H N N 290 
TYR N    N N N 291 
TYR CA   C N S 292 
TYR C    C N N 293 
TYR O    O N N 294 
TYR CB   C N N 295 
TYR CG   C Y N 296 
TYR CD1  C Y N 297 
TYR CD2  C Y N 298 
TYR CE1  C Y N 299 
TYR CE2  C Y N 300 
TYR CZ   C Y N 301 
TYR OH   O N N 302 
TYR OXT  O N N 303 
TYR H    H N N 304 
TYR H2   H N N 305 
TYR HA   H N N 306 
TYR HB2  H N N 307 
TYR HB3  H N N 308 
TYR HD1  H N N 309 
TYR HD2  H N N 310 
TYR HE1  H N N 311 
TYR HE2  H N N 312 
TYR HH   H N N 313 
TYR HXT  H N N 314 
VAL N    N N N 315 
VAL CA   C N S 316 
VAL C    C N N 317 
VAL O    O N N 318 
VAL CB   C N N 319 
VAL CG1  C N N 320 
VAL CG2  C N N 321 
VAL OXT  O N N 322 
VAL H    H N N 323 
VAL H2   H N N 324 
VAL HA   H N N 325 
VAL HB   H N N 326 
VAL HG11 H N N 327 
VAL HG12 H N N 328 
VAL HG13 H N N 329 
VAL HG21 H N N 330 
VAL HG22 H N N 331 
VAL HG23 H N N 332 
VAL HXT  H N N 333 
# 
loop_
_chem_comp_bond.comp_id 
_chem_comp_bond.atom_id_1 
_chem_comp_bond.atom_id_2 
_chem_comp_bond.value_order 
_chem_comp_bond.pdbx_aromatic_flag 
_chem_comp_bond.pdbx_stereo_config 
_chem_comp_bond.pdbx_ordinal 
ALA N   CA   sing N N 1   
ALA N   H    sing N N 2   
ALA N   H2   sing N N 3   
ALA CA  C    sing N N 4   
ALA CA  CB   sing N N 5   
ALA CA  HA   sing N N 6   
ALA C   O    doub N N 7   
ALA C   OXT  sing N N 8   
ALA CB  HB1  sing N N 9   
ALA CB  HB2  sing N N 10  
ALA CB  HB3  sing N N 11  
ALA OXT HXT  sing N N 12  
ARG N   CA   sing N N 13  
ARG N   H    sing N N 14  
ARG N   H2   sing N N 15  
ARG CA  C    sing N N 16  
ARG CA  CB   sing N N 17  
ARG CA  HA   sing N N 18  
ARG C   O    doub N N 19  
ARG C   OXT  sing N N 20  
ARG CB  CG   sing N N 21  
ARG CB  HB2  sing N N 22  
ARG CB  HB3  sing N N 23  
ARG CG  CD   sing N N 24  
ARG CG  HG2  sing N N 25  
ARG CG  HG3  sing N N 26  
ARG CD  NE   sing N N 27  
ARG CD  HD2  sing N N 28  
ARG CD  HD3  sing N N 29  
ARG NE  CZ   sing N N 30  
ARG NE  HE   sing N N 31  
ARG CZ  NH1  sing N N 32  
ARG CZ  NH2  doub N N 33  
ARG NH1 HH11 sing N N 34  
ARG NH1 HH12 sing N N 35  
ARG NH2 HH21 sing N N 36  
ARG NH2 HH22 sing N N 37  
ARG OXT HXT  sing N N 38  
ASN N   CA   sing N N 39  
ASN N   H    sing N N 40  
ASN N   H2   sing N N 41  
ASN CA  C    sing N N 42  
ASN CA  CB   sing N N 43  
ASN CA  HA   sing N N 44  
ASN C   O    doub N N 45  
ASN C   OXT  sing N N 46  
ASN CB  CG   sing N N 47  
ASN CB  HB2  sing N N 48  
ASN CB  HB3  sing N N 49  
ASN CG  OD1  doub N N 50  
ASN CG  ND2  sing N N 51  
ASN ND2 HD21 sing N N 52  
ASN ND2 HD22 sing N N 53  
ASN OXT HXT  sing N N 54  
ASP N   CA   sing N N 55  
ASP N   H    sing N N 56  
ASP N   H2   sing N N 57  
ASP CA  C    sing N N 58  
ASP CA  CB   sing N N 59  
ASP CA  HA   sing N N 60  
ASP C   O    doub N N 61  
ASP C   OXT  sing N N 62  
ASP CB  CG   sing N N 63  
ASP CB  HB2  sing N N 64  
ASP CB  HB3  sing N N 65  
ASP CG  OD1  doub N N 66  
ASP CG  OD2  sing N N 67  
ASP OD2 HD2  sing N N 68  
ASP OXT HXT  sing N N 69  
GLN N   CA   sing N N 70  
GLN N   H    sing N N 71  
GLN N   H2   sing N N 72  
GLN CA  C    sing N N 73  
GLN CA  CB   sing N N 74  
GLN CA  HA   sing N N 75  
GLN C   O    doub N N 76  
GLN C   OXT  sing N N 77  
GLN CB  CG   sing N N 78  
GLN CB  HB2  sing N N 79  
GLN CB  HB3  sing N N 80  
GLN CG  CD   sing N N 81  
GLN CG  HG2  sing N N 82  
GLN CG  HG3  sing N N 83  
GLN CD  OE1  doub N N 84  
GLN CD  NE2  sing N N 85  
GLN NE2 HE21 sing N N 86  
GLN NE2 HE22 sing N N 87  
GLN OXT HXT  sing N N 88  
GLU N   CA   sing N N 89  
GLU N   H    sing N N 90  
GLU N   H2   sing N N 91  
GLU CA  C    sing N N 92  
GLU CA  CB   sing N N 93  
GLU CA  HA   sing N N 94  
GLU C   O    doub N N 95  
GLU C   OXT  sing N N 96  
GLU CB  CG   sing N N 97  
GLU CB  HB2  sing N N 98  
GLU CB  HB3  sing N N 99  
GLU CG  CD   sing N N 100 
GLU CG  HG2  sing N N 101 
GLU CG  HG3  sing N N 102 
GLU CD  OE1  doub N N 103 
GLU CD  OE2  sing N N 104 
GLU OE2 HE2  sing N N 105 
GLU OXT HXT  sing N N 106 
GLY N   CA   sing N N 107 
GLY N   H    sing N N 108 
GLY N   H2   sing N N 109 
GLY CA  C    sing N N 110 
GLY CA  HA2  sing N N 111 
GLY CA  HA3  sing N N 112 
GLY C   O    doub N N 113 
GLY C   OXT  sing N N 114 
GLY OXT HXT  sing N N 115 
HOH O   H1   sing N N 116 
HOH O   H2   sing N N 117 
ILE N   CA   sing N N 118 
ILE N   H    sing N N 119 
ILE N   H2   sing N N 120 
ILE CA  C    sing N N 121 
ILE CA  CB   sing N N 122 
ILE CA  HA   sing N N 123 
ILE C   O    doub N N 124 
ILE C   OXT  sing N N 125 
ILE CB  CG1  sing N N 126 
ILE CB  CG2  sing N N 127 
ILE CB  HB   sing N N 128 
ILE CG1 CD1  sing N N 129 
ILE CG1 HG12 sing N N 130 
ILE CG1 HG13 sing N N 131 
ILE CG2 HG21 sing N N 132 
ILE CG2 HG22 sing N N 133 
ILE CG2 HG23 sing N N 134 
ILE CD1 HD11 sing N N 135 
ILE CD1 HD12 sing N N 136 
ILE CD1 HD13 sing N N 137 
ILE OXT HXT  sing N N 138 
LEU N   CA   sing N N 139 
LEU N   H    sing N N 140 
LEU N   H2   sing N N 141 
LEU CA  C    sing N N 142 
LEU CA  CB   sing N N 143 
LEU CA  HA   sing N N 144 
LEU C   O    doub N N 145 
LEU C   OXT  sing N N 146 
LEU CB  CG   sing N N 147 
LEU CB  HB2  sing N N 148 
LEU CB  HB3  sing N N 149 
LEU CG  CD1  sing N N 150 
LEU CG  CD2  sing N N 151 
LEU CG  HG   sing N N 152 
LEU CD1 HD11 sing N N 153 
LEU CD1 HD12 sing N N 154 
LEU CD1 HD13 sing N N 155 
LEU CD2 HD21 sing N N 156 
LEU CD2 HD22 sing N N 157 
LEU CD2 HD23 sing N N 158 
LEU OXT HXT  sing N N 159 
LYS N   CA   sing N N 160 
LYS N   H    sing N N 161 
LYS N   H2   sing N N 162 
LYS CA  C    sing N N 163 
LYS CA  CB   sing N N 164 
LYS CA  HA   sing N N 165 
LYS C   O    doub N N 166 
LYS C   OXT  sing N N 167 
LYS CB  CG   sing N N 168 
LYS CB  HB2  sing N N 169 
LYS CB  HB3  sing N N 170 
LYS CG  CD   sing N N 171 
LYS CG  HG2  sing N N 172 
LYS CG  HG3  sing N N 173 
LYS CD  CE   sing N N 174 
LYS CD  HD2  sing N N 175 
LYS CD  HD3  sing N N 176 
LYS CE  NZ   sing N N 177 
LYS CE  HE2  sing N N 178 
LYS CE  HE3  sing N N 179 
LYS NZ  HZ1  sing N N 180 
LYS NZ  HZ2  sing N N 181 
LYS NZ  HZ3  sing N N 182 
LYS OXT HXT  sing N N 183 
MET N   CA   sing N N 184 
MET N   H    sing N N 185 
MET N   H2   sing N N 186 
MET CA  C    sing N N 187 
MET CA  CB   sing N N 188 
MET CA  HA   sing N N 189 
MET C   O    doub N N 190 
MET C   OXT  sing N N 191 
MET CB  CG   sing N N 192 
MET CB  HB2  sing N N 193 
MET CB  HB3  sing N N 194 
MET CG  SD   sing N N 195 
MET CG  HG2  sing N N 196 
MET CG  HG3  sing N N 197 
MET SD  CE   sing N N 198 
MET CE  HE1  sing N N 199 
MET CE  HE2  sing N N 200 
MET CE  HE3  sing N N 201 
MET OXT HXT  sing N N 202 
MPD C1  C2   sing N N 203 
MPD C1  H11  sing N N 204 
MPD C1  H12  sing N N 205 
MPD C1  H13  sing N N 206 
MPD C2  O2   sing N N 207 
MPD C2  CM   sing N N 208 
MPD C2  C3   sing N N 209 
MPD O2  HO2  sing N N 210 
MPD CM  HM1  sing N N 211 
MPD CM  HM2  sing N N 212 
MPD CM  HM3  sing N N 213 
MPD C3  C4   sing N N 214 
MPD C3  H31  sing N N 215 
MPD C3  H32  sing N N 216 
MPD C4  O4   sing N N 217 
MPD C4  C5   sing N N 218 
MPD C4  H4   sing N N 219 
MPD O4  HO4  sing N N 220 
MPD C5  H51  sing N N 221 
MPD C5  H52  sing N N 222 
MPD C5  H53  sing N N 223 
PHE N   CA   sing N N 224 
PHE N   H    sing N N 225 
PHE N   H2   sing N N 226 
PHE CA  C    sing N N 227 
PHE CA  CB   sing N N 228 
PHE CA  HA   sing N N 229 
PHE C   O    doub N N 230 
PHE C   OXT  sing N N 231 
PHE CB  CG   sing N N 232 
PHE CB  HB2  sing N N 233 
PHE CB  HB3  sing N N 234 
PHE CG  CD1  doub Y N 235 
PHE CG  CD2  sing Y N 236 
PHE CD1 CE1  sing Y N 237 
PHE CD1 HD1  sing N N 238 
PHE CD2 CE2  doub Y N 239 
PHE CD2 HD2  sing N N 240 
PHE CE1 CZ   doub Y N 241 
PHE CE1 HE1  sing N N 242 
PHE CE2 CZ   sing Y N 243 
PHE CE2 HE2  sing N N 244 
PHE CZ  HZ   sing N N 245 
PHE OXT HXT  sing N N 246 
SER N   CA   sing N N 247 
SER N   H    sing N N 248 
SER N   H2   sing N N 249 
SER CA  C    sing N N 250 
SER CA  CB   sing N N 251 
SER CA  HA   sing N N 252 
SER C   O    doub N N 253 
SER C   OXT  sing N N 254 
SER CB  OG   sing N N 255 
SER CB  HB2  sing N N 256 
SER CB  HB3  sing N N 257 
SER OG  HG   sing N N 258 
SER OXT HXT  sing N N 259 
THR N   CA   sing N N 260 
THR N   H    sing N N 261 
THR N   H2   sing N N 262 
THR CA  C    sing N N 263 
THR CA  CB   sing N N 264 
THR CA  HA   sing N N 265 
THR C   O    doub N N 266 
THR C   OXT  sing N N 267 
THR CB  OG1  sing N N 268 
THR CB  CG2  sing N N 269 
THR CB  HB   sing N N 270 
THR OG1 HG1  sing N N 271 
THR CG2 HG21 sing N N 272 
THR CG2 HG22 sing N N 273 
THR CG2 HG23 sing N N 274 
THR OXT HXT  sing N N 275 
TYR N   CA   sing N N 276 
TYR N   H    sing N N 277 
TYR N   H2   sing N N 278 
TYR CA  C    sing N N 279 
TYR CA  CB   sing N N 280 
TYR CA  HA   sing N N 281 
TYR C   O    doub N N 282 
TYR C   OXT  sing N N 283 
TYR CB  CG   sing N N 284 
TYR CB  HB2  sing N N 285 
TYR CB  HB3  sing N N 286 
TYR CG  CD1  doub Y N 287 
TYR CG  CD2  sing Y N 288 
TYR CD1 CE1  sing Y N 289 
TYR CD1 HD1  sing N N 290 
TYR CD2 CE2  doub Y N 291 
TYR CD2 HD2  sing N N 292 
TYR CE1 CZ   doub Y N 293 
TYR CE1 HE1  sing N N 294 
TYR CE2 CZ   sing Y N 295 
TYR CE2 HE2  sing N N 296 
TYR CZ  OH   sing N N 297 
TYR OH  HH   sing N N 298 
TYR OXT HXT  sing N N 299 
VAL N   CA   sing N N 300 
VAL N   H    sing N N 301 
VAL N   H2   sing N N 302 
VAL CA  C    sing N N 303 
VAL CA  CB   sing N N 304 
VAL CA  HA   sing N N 305 
VAL C   O    doub N N 306 
VAL C   OXT  sing N N 307 
VAL CB  CG1  sing N N 308 
VAL CB  CG2  sing N N 309 
VAL CB  HB   sing N N 310 
VAL CG1 HG11 sing N N 311 
VAL CG1 HG12 sing N N 312 
VAL CG1 HG13 sing N N 313 
VAL CG2 HG21 sing N N 314 
VAL CG2 HG22 sing N N 315 
VAL CG2 HG23 sing N N 316 
VAL OXT HXT  sing N N 317 
# 
_pdbx_audit_support.funding_organization   'Israel Science Foundation' 
_pdbx_audit_support.country                Israel 
_pdbx_audit_support.grant_number           'ISF 600/11' 
_pdbx_audit_support.ordinal                1 
# 
_pdbx_initial_refinement_model.id               1 
_pdbx_initial_refinement_model.entity_id_list   ? 
_pdbx_initial_refinement_model.type             'experimental model' 
_pdbx_initial_refinement_model.source_name      PDB 
_pdbx_initial_refinement_model.accession_code   2QY9 
_pdbx_initial_refinement_model.details          ? 
# 
_atom_sites.entry_id                    6FPK 
_atom_sites.fract_transf_matrix[1][1]   -0.01470768 
_atom_sites.fract_transf_matrix[1][2]   -0.00762205 
_atom_sites.fract_transf_matrix[1][3]   -0.00658713 
_atom_sites.fract_transf_matrix[2][1]   0.00655732 
_atom_sites.fract_transf_matrix[2][2]   -0.00951552 
_atom_sites.fract_transf_matrix[2][3]   -0.00363059 
_atom_sites.fract_transf_matrix[3][1]   -0.00543774 
_atom_sites.fract_transf_matrix[3][2]   -0.01500369 
_atom_sites.fract_transf_matrix[3][3]   0.02950231 
_atom_sites.fract_transf_vector[1]      0.380593 
_atom_sites.fract_transf_vector[2]      0.685655 
_atom_sites.fract_transf_vector[3]      0.859390 
# 
loop_
_atom_type.symbol 
C 
N 
O 
S 
# 
loop_
_atom_site.group_PDB 
_atom_site.id 
_atom_site.type_symbol 
_atom_site.label_atom_id 
_atom_site.label_alt_id 
_atom_site.label_comp_id 
_atom_site.label_asym_id 
_atom_site.label_entity_id 
_atom_site.label_seq_id 
_atom_site.pdbx_PDB_ins_code 
_atom_site.Cartn_x 
_atom_site.Cartn_y 
_atom_site.Cartn_z 
_atom_site.occupancy 
_atom_site.B_iso_or_equiv 
_atom_site.pdbx_formal_charge 
_atom_site.auth_seq_id 
_atom_site.auth_comp_id 
_atom_site.auth_asym_id 
_atom_site.auth_atom_id 
_atom_site.pdbx_PDB_model_num 
ATOM   1   N N   . ASP A 1 7  ? -20.959 33.350  2.039  1.00 55.96  ? 225 ASP A N   1 
ATOM   2   C CA  . ASP A 1 7  ? -20.212 33.183  0.803  1.00 55.68  ? 225 ASP A CA  1 
ATOM   3   C C   . ASP A 1 7  ? -20.439 31.863  0.148  1.00 58.68  ? 225 ASP A C   1 
ATOM   4   O O   . ASP A 1 7  ? -19.853 30.876  0.510  1.00 46.51  ? 225 ASP A O   1 
ATOM   5   C CB  . ASP A 1 7  ? -18.755 33.314  1.056  1.00 30.00  ? 225 ASP A CB  1 
ATOM   6   C CG  . ASP A 1 7  ? -18.158 34.278  0.182  1.00 30.00  ? 225 ASP A CG  1 
ATOM   7   O OD1 . ASP A 1 7  ? -18.660 35.389  0.182  1.00 30.00  ? 225 ASP A OD1 1 
ATOM   8   O OD2 . ASP A 1 7  ? -17.218 33.944  -0.532 1.00 30.00  ? 225 ASP A OD2 1 
ATOM   9   N N   . ASP A 1 8  ? -21.288 31.862  -0.848 1.00 42.22  ? 226 ASP A N   1 
ATOM   10  C CA  . ASP A 1 8  ? -21.540 30.668  -1.585 1.00 43.42  ? 226 ASP A CA  1 
ATOM   11  C C   . ASP A 1 8  ? -20.251 30.162  -2.265 1.00 33.25  ? 226 ASP A C   1 
ATOM   12  O O   . ASP A 1 8  ? -20.014 28.996  -2.304 1.00 31.39  ? 226 ASP A O   1 
ATOM   13  C CB  . ASP A 1 8  ? -22.649 30.898  -2.598 1.00 39.33  ? 226 ASP A CB  1 
ATOM   14  N N   . LEU A 1 9  ? -19.456 31.061  -2.810 1.00 33.69  ? 227 LEU A N   1 
ATOM   15  C CA  . LEU A 1 9  ? -18.210 30.705  -3.462 1.00 35.06  ? 227 LEU A CA  1 
ATOM   16  C C   . LEU A 1 9  ? -17.172 30.061  -2.515 1.00 36.74  ? 227 LEU A C   1 
ATOM   17  O O   . LEU A 1 9  ? -16.568 29.099  -2.857 1.00 28.81  ? 227 LEU A O   1 
ATOM   18  C CB  . LEU A 1 9  ? -17.625 31.915  -4.172 1.00 32.00  ? 227 LEU A CB  1 
ATOM   19  C CG  . LEU A 1 9  ? -18.398 32.527  -5.330 1.00 33.05  ? 227 LEU A CG  1 
ATOM   20  C CD1 . LEU A 1 9  ? -17.779 33.840  -5.772 1.00 34.49  ? 227 LEU A CD1 1 
ATOM   21  C CD2 . LEU A 1 9  ? -18.442 31.562  -6.477 1.00 34.44  ? 227 LEU A CD2 1 
ATOM   22  N N   . PHE A 1 10 ? -17.014 30.592  -1.311 1.00 38.66  ? 228 PHE A N   1 
ATOM   23  C CA  . PHE A 1 10 ? -16.002 30.050  -0.392 1.00 42.19  ? 228 PHE A CA  1 
ATOM   24  C C   . PHE A 1 10 ? -16.420 28.654  0.069  1.00 39.80  ? 228 PHE A C   1 
ATOM   25  O O   . PHE A 1 10 ? -15.553 27.784  0.234  1.00 34.12  ? 228 PHE A O   1 
ATOM   26  C CB  . PHE A 1 10 ? -15.731 30.953  0.841  1.00 50.41  ? 228 PHE A CB  1 
ATOM   27  C CG  . PHE A 1 10 ? -14.566 30.461  1.699  1.00 57.04  ? 228 PHE A CG  1 
ATOM   28  C CD1 . PHE A 1 10 ? -13.252 30.621  1.273  1.00 61.23  ? 228 PHE A CD1 1 
ATOM   29  C CD2 . PHE A 1 10 ? -14.798 29.785  2.891  1.00 66.09  ? 228 PHE A CD2 1 
ATOM   30  C CE1 . PHE A 1 10 ? -12.186 30.146  2.024  1.00 62.72  ? 228 PHE A CE1 1 
ATOM   31  C CE2 . PHE A 1 10 ? -13.745 29.312  3.647  1.00 65.75  ? 228 PHE A CE2 1 
ATOM   32  C CZ  . PHE A 1 10 ? -12.435 29.507  3.216  1.00 67.43  ? 228 PHE A CZ  1 
ATOM   33  N N   . GLU A 1 11 ? -17.738 28.498  0.249  1.00 32.93  ? 229 GLU A N   1 
ATOM   34  C CA  . GLU A 1 11 ? -18.398 27.284  0.664  1.00 36.52  ? 229 GLU A CA  1 
ATOM   35  C C   . GLU A 1 11 ? -18.257 26.176  -0.375 1.00 31.75  ? 229 GLU A C   1 
ATOM   36  O O   . GLU A 1 11 ? -18.010 24.996  -0.040 1.00 26.83  ? 229 GLU A O   1 
ATOM   37  C CB  . GLU A 1 11 ? -19.889 27.587  0.888  1.00 44.75  ? 229 GLU A CB  1 
ATOM   38  C CG  . GLU A 1 11 ? -20.769 26.420  1.351  1.00 52.31  ? 229 GLU A CG  1 
ATOM   39  C CD  . GLU A 1 11 ? -22.315 26.669  1.342  1.00 60.28  ? 229 GLU A CD  1 
ATOM   40  O OE1 . GLU A 1 11 ? -22.844 27.670  0.800  1.00 52.90  ? 229 GLU A OE1 1 
ATOM   41  O OE2 . GLU A 1 11 ? -23.043 25.800  1.879  1.00 61.03  ? 229 GLU A OE2 1 
ATOM   42  N N   . GLU A 1 12 ? -18.474 26.528  -1.634 1.00 26.60  ? 230 GLU A N   1 
ATOM   43  C CA  . GLU A 1 12 ? -18.315 25.582  -2.723 1.00 25.01  ? 230 GLU A CA  1 
ATOM   44  C C   . GLU A 1 12 ? -16.809 25.191  -2.858 1.00 25.80  ? 230 GLU A C   1 
ATOM   45  O O   . GLU A 1 12 ? -16.484 24.052  -3.076 1.00 24.37  ? 230 GLU A O   1 
ATOM   46  C CB  . GLU A 1 12 ? -18.920 26.107  -4.045 1.00 25.22  ? 230 GLU A CB  1 
ATOM   47  C CG  . GLU A 1 12 ? -18.838 25.111  -5.225 1.00 24.53  ? 230 GLU A CG  1 
ATOM   48  C CD  . GLU A 1 12 ? -19.568 23.787  -4.985 1.00 27.58  ? 230 GLU A CD  1 
ATOM   49  O OE1 . GLU A 1 12 ? -20.371 23.730  -4.020 1.00 28.03  ? 230 GLU A OE1 1 
ATOM   50  O OE2 . GLU A 1 12 ? -19.342 22.783  -5.707 1.00 25.02  ? 230 GLU A OE2 1 
ATOM   51  N N   . LEU A 1 13 ? -15.910 26.157  -2.838 1.00 22.46  ? 231 LEU A N   1 
ATOM   52  C CA  . LEU A 1 13 ? -14.498 25.837  -2.775 1.00 25.50  ? 231 LEU A CA  1 
ATOM   53  C C   . LEU A 1 13 ? -14.149 24.836  -1.685 1.00 26.43  ? 231 LEU A C   1 
ATOM   54  O O   . LEU A 1 13 ? -13.404 23.892  -1.885 1.00 22.83  ? 231 LEU A O   1 
ATOM   55  C CB  . LEU A 1 13 ? -13.689 27.120  -2.553 1.00 23.72  ? 231 LEU A CB  1 
ATOM   56  C CG  . LEU A 1 13 ? -12.170 26.907  -2.503 1.00 25.52  ? 231 LEU A CG  1 
ATOM   57  C CD1 . LEU A 1 13 ? -11.548 26.246  -3.748 1.00 24.20  ? 231 LEU A CD1 1 
ATOM   58  C CD2 . LEU A 1 13 ? -11.511 28.292  -2.250 1.00 27.82  ? 231 LEU A CD2 1 
ATOM   59  N N   . GLU A 1 14 ? -14.668 25.088  -0.482 1.00 25.34  ? 232 GLU A N   1 
ATOM   60  C CA  . GLU A 1 14 ? -14.339 24.263  0.628  1.00 29.23  ? 232 GLU A CA  1 
ATOM   61  C C   . GLU A 1 14 ? -14.899 22.864  0.443  1.00 22.18  ? 232 GLU A C   1 
ATOM   62  O O   . GLU A 1 14 ? -14.219 21.930  0.738  1.00 24.40  ? 232 GLU A O   1 
ATOM   63  C CB  . GLU A 1 14 ? -14.832 24.918  1.958  1.00 31.78  ? 232 GLU A CB  1 
ATOM   64  C CG  . GLU A 1 14 ? -15.120 23.935  3.071  1.00 43.88  ? 232 GLU A CG  1 
ATOM   65  C CD  . GLU A 1 14 ? -15.808 24.629  4.276  1.00 54.78  ? 232 GLU A CD  1 
ATOM   66  O OE1 . GLU A 1 14 ? -16.961 25.207  4.158  1.00 51.51  ? 232 GLU A OE1 1 
ATOM   67  O OE2 . GLU A 1 14 ? -15.181 24.563  5.351  1.00 55.93  ? 232 GLU A OE2 1 
ATOM   68  N N   . GLU A 1 15 ? -16.101 22.712  -0.039 1.00 21.63  ? 233 GLU A N   1 
ATOM   69  C CA  . GLU A 1 15 ? -16.657 21.387  -0.300 1.00 22.05  ? 233 GLU A CA  1 
ATOM   70  C C   . GLU A 1 15 ? -15.780 20.647  -1.382 1.00 20.45  ? 233 GLU A C   1 
ATOM   71  O O   . GLU A 1 15 ? -15.456 19.446  -1.257 1.00 19.67  ? 233 GLU A O   1 
ATOM   72  C CB  . GLU A 1 15 ? -18.088 21.498  -0.793 1.00 22.61  ? 233 GLU A CB  1 
ATOM   73  C CG  . GLU A 1 15 ? -18.659 20.126  -1.133 1.00 20.72  ? 233 GLU A CG  1 
ATOM   74  C CD  . GLU A 1 15 ? -20.103 20.121  -1.574 1.00 23.60  ? 233 GLU A CD  1 
ATOM   75  O OE1 . GLU A 1 15 ? -20.973 20.343  -0.752 1.00 26.84  ? 233 GLU A OE1 1 
ATOM   76  O OE2 . GLU A 1 15 ? -20.420 19.733  -2.705 1.00 25.64  ? 233 GLU A OE2 1 
ATOM   77  N N   . GLN A 1 16 ? -15.435 21.353  -2.468 1.00 18.11  ? 234 GLN A N   1 
ATOM   78  C CA  . GLN A 1 16 ? -14.561 20.753  -3.473 1.00 19.58  ? 234 GLN A CA  1 
ATOM   79  C C   . GLN A 1 16 ? -13.199 20.264  -2.912 1.00 19.97  ? 234 GLN A C   1 
ATOM   80  O O   . GLN A 1 16 ? -12.673 19.210  -3.292 1.00 21.04  ? 234 GLN A O   1 
ATOM   81  C CB  . GLN A 1 16 ? -14.359 21.722  -4.646 1.00 22.27  ? 234 GLN A CB  1 
ATOM   82  C CG  . GLN A 1 16 ? -15.601 21.815  -5.501 1.00 20.09  ? 234 GLN A CG  1 
ATOM   83  C CD  . GLN A 1 16 ? -15.882 20.541  -6.272 1.00 22.05  ? 234 GLN A CD  1 
ATOM   84  O OE1 . GLN A 1 16 ? -16.751 19.729  -5.896 1.00 22.98  ? 234 GLN A OE1 1 
ATOM   85  N NE2 . GLN A 1 16 ? -15.091 20.294  -7.314 1.00 20.94  ? 234 GLN A NE2 1 
ATOM   86  N N   . LEU A 1 17 ? -12.593 21.094  -2.086 1.00 18.55  ? 235 LEU A N   1 
ATOM   87  C CA  . LEU A 1 17 ? -11.324 20.764  -1.489 1.00 21.22  ? 235 LEU A CA  1 
ATOM   88  C C   . LEU A 1 17 ? -11.484 19.593  -0.482 1.00 19.16  ? 235 LEU A C   1 
ATOM   89  O O   . LEU A 1 17 ? -10.590 18.769  -0.374 1.00 19.11  ? 235 LEU A O   1 
ATOM   90  C CB  . LEU A 1 17 ? -10.782 22.006  -0.800 1.00 24.18  ? 235 LEU A CB  1 
ATOM   91  C CG  . LEU A 1 17 ? -10.282 23.164  -1.695 1.00 25.99  ? 235 LEU A CG  1 
ATOM   92  C CD1 . LEU A 1 17 ? -9.859  24.353  -0.831 1.00 29.13  ? 235 LEU A CD1 1 
ATOM   93  C CD2 . LEU A 1 17 ? -9.134  22.767  -2.610 1.00 28.79  ? 235 LEU A CD2 1 
ATOM   94  N N   . LEU A 1 18 ? -12.631 19.517  0.208  1.00 18.39  ? 236 LEU A N   1 
ATOM   95  C CA  . LEU A 1 18 ? -12.965 18.338  1.060  1.00 21.32  ? 236 LEU A CA  1 
ATOM   96  C C   . LEU A 1 18 ? -13.068 17.051  0.269  1.00 20.48  ? 236 LEU A C   1 
ATOM   97  O O   . LEU A 1 18 ? -12.513 16.000  0.655  1.00 21.54  ? 236 LEU A O   1 
ATOM   98  C CB  . LEU A 1 18 ? -14.300 18.552  1.821  1.00 23.85  ? 236 LEU A CB  1 
ATOM   99  C CG  . LEU A 1 18 ? -14.851 17.350  2.568  1.00 25.93  ? 236 LEU A CG  1 
ATOM   100 C CD1 . LEU A 1 18 ? -13.822 16.909  3.601  1.00 30.50  ? 236 LEU A CD1 1 
ATOM   101 C CD2 . LEU A 1 18 ? -16.135 17.697  3.260  1.00 27.06  ? 236 LEU A CD2 1 
ATOM   102 N N   . ILE A 1 19 ? -13.773 17.116  -0.865 1.00 18.42  ? 237 ILE A N   1 
ATOM   103 C CA  . ILE A 1 19 ? -13.876 16.008  -1.805 1.00 17.80  ? 237 ILE A CA  1 
ATOM   104 C C   . ILE A 1 19 ? -12.476 15.566  -2.272 1.00 19.73  ? 237 ILE A C   1 
ATOM   105 O O   . ILE A 1 19 ? -12.121 14.362  -2.276 1.00 20.44  ? 237 ILE A O   1 
ATOM   106 C CB  . ILE A 1 19 ? -14.839 16.325  -3.002 1.00 18.79  ? 237 ILE A CB  1 
ATOM   107 C CG1 . ILE A 1 19 ? -16.337 16.466  -2.499 1.00 20.12  ? 237 ILE A CG1 1 
ATOM   108 C CG2 . ILE A 1 19 ? -14.731 15.246  -4.113 1.00 19.59  ? 237 ILE A CG2 1 
ATOM   109 C CD1 . ILE A 1 19 ? -17.317 17.200  -3.413 1.00 19.42  ? 237 ILE A CD1 1 
ATOM   110 N N   . ALA A 1 20 ? -11.638 16.513  -2.645 1.00 19.60  ? 238 ALA A N   1 
ATOM   111 C CA  . ALA A 1 20 ? -10.324 16.126  -3.190 1.00 20.08  ? 238 ALA A CA  1 
ATOM   112 C C   . ALA A 1 20 ? -9.559  15.460  -2.098 1.00 18.80  ? 238 ALA A C   1 
ATOM   113 O O   . ALA A 1 20 ? -8.838  14.522  -2.323 1.00 20.94  ? 238 ALA A O   1 
ATOM   114 C CB  . ALA A 1 20 ? -9.520  17.351  -3.692 1.00 20.73  ? 238 ALA A CB  1 
ATOM   115 N N   . ASP A 1 21 ? -9.643  16.042  -0.918 1.00 23.94  ? 239 ASP A N   1 
ATOM   116 C CA  . ASP A 1 21 ? -8.866  15.548  0.205  1.00 24.41  ? 239 ASP A CA  1 
ATOM   117 C C   . ASP A 1 21 ? -9.231  14.097  0.536  1.00 20.88  ? 239 ASP A C   1 
ATOM   118 O O   . ASP A 1 21 ? -8.353  13.249  0.776  1.00 20.13  ? 239 ASP A O   1 
ATOM   119 C CB  . ASP A 1 21 ? -9.072  16.391  1.437  1.00 25.04  ? 239 ASP A CB  1 
ATOM   120 C CG  . ASP A 1 21 ? -8.241  15.887  2.647  1.00 28.87  ? 239 ASP A CG  1 
ATOM   121 O OD1 . ASP A 1 21 ? -7.074  15.515  2.533  1.00 29.53  ? 239 ASP A OD1 1 
ATOM   122 O OD2 . ASP A 1 21 ? -8.750  15.977  3.744  1.00 37.02  ? 239 ASP A OD2 1 
ATOM   123 N N   . VAL A 1 22 ? -10.534 13.805  0.557  1.00 19.81  ? 240 VAL A N   1 
ATOM   124 C CA  . VAL A 1 22 ? -10.989 12.449  0.833  1.00 20.31  ? 240 VAL A CA  1 
ATOM   125 C C   . VAL A 1 22 ? -10.536 11.473  -0.239 1.00 17.71  ? 240 VAL A C   1 
ATOM   126 O O   . VAL A 1 22 ? -10.097 10.379  0.023  1.00 17.78  ? 240 VAL A O   1 
ATOM   127 C CB  . VAL A 1 22 ? -12.572 12.399  0.986  1.00 20.41  ? 240 VAL A CB  1 
ATOM   128 C CG1 . VAL A 1 22 ? -12.983 10.901  1.120  1.00 19.81  ? 240 VAL A CG1 1 
ATOM   129 C CG2 . VAL A 1 22 ? -12.950 13.232  2.225  1.00 22.31  ? 240 VAL A CG2 1 
ATOM   130 N N   . GLY A 1 23 ? -10.639 11.921  -1.481 1.00 17.48  ? 241 GLY A N   1 
ATOM   131 C CA  . GLY A 1 23 ? -10.272 11.086  -2.635 1.00 18.77  ? 241 GLY A CA  1 
ATOM   132 C C   . GLY A 1 23 ? -8.762  10.779  -2.655 1.00 18.30  ? 241 GLY A C   1 
ATOM   133 O O   . GLY A 1 23 ? -8.358  9.620   -2.802 1.00 16.66  ? 241 GLY A O   1 
ATOM   134 N N   . VAL A 1 24 ? -7.965  11.804  -2.444 1.00 17.62  ? 242 VAL A N   1 
ATOM   135 C CA  . VAL A 1 24 ? -6.545  11.648  -2.393 1.00 18.94  ? 242 VAL A CA  1 
ATOM   136 C C   . VAL A 1 24 ? -6.055  10.821  -1.200 1.00 18.29  ? 242 VAL A C   1 
ATOM   137 O O   . VAL A 1 24 ? -5.171  10.025  -1.363 1.00 18.22  ? 242 VAL A O   1 
ATOM   138 C CB  . VAL A 1 24 ? -5.804  13.030  -2.448 1.00 20.98  ? 242 VAL A CB  1 
ATOM   139 C CG1 . VAL A 1 24 ? -4.321  12.871  -2.214 1.00 22.90  ? 242 VAL A CG1 1 
ATOM   140 C CG2 . VAL A 1 24 ? -6.022  13.662  -3.851 1.00 21.26  ? 242 VAL A CG2 1 
ATOM   141 N N   . GLU A 1 25 ? -6.562  11.091  -0.003 1.00 19.19  ? 243 GLU A N   1 
ATOM   142 C CA  . GLU A 1 25 ? -6.204  10.280  1.138  1.00 21.28  ? 243 GLU A CA  1 
ATOM   143 C C   . GLU A 1 25 ? -6.653  8.842   0.978  1.00 17.72  ? 243 GLU A C   1 
ATOM   144 O O   . GLU A 1 25 ? -5.977  7.905   1.429  1.00 16.23  ? 243 GLU A O   1 
ATOM   145 C CB  . GLU A 1 25 ? -6.807  10.877  2.434  1.00 23.40  ? 243 GLU A CB  1 
ATOM   146 C CG  . GLU A 1 25 ? -6.040  12.119  2.860  1.00 31.10  ? 243 GLU A CG  1 
ATOM   147 C CD  . GLU A 1 25 ? -4.614  11.735  3.216  1.00 40.12  ? 243 GLU A CD  1 
ATOM   148 O OE1 . GLU A 1 25 ? -4.462  10.728  3.929  1.00 50.39  ? 243 GLU A OE1 1 
ATOM   149 O OE2 . GLU A 1 25 ? -3.663  12.366  2.712  1.00 46.96  ? 243 GLU A OE2 1 
ATOM   150 N N   . THR A 1 26 ? -7.856  8.627   0.463  1.00 16.20  ? 244 THR A N   1 
ATOM   151 C CA  . THR A 1 26 ? -8.261  7.249   0.192  1.00 16.65  ? 244 THR A CA  1 
ATOM   152 C C   . THR A 1 26 ? -7.290  6.516   -0.769 1.00 17.76  ? 244 THR A C   1 
ATOM   153 O O   . THR A 1 26 ? -6.863  5.407   -0.511 1.00 18.93  ? 244 THR A O   1 
ATOM   154 C CB  . THR A 1 26 ? -9.705  7.219   -0.358 1.00 17.74  ? 244 THR A CB  1 
ATOM   155 O OG1 . THR A 1 26 ? -10.536 7.845   0.615  1.00 18.84  ? 244 THR A OG1 1 
ATOM   156 C CG2 . THR A 1 26 ? -10.128 5.757   -0.686 1.00 17.88  ? 244 THR A CG2 1 
ATOM   157 N N   . THR A 1 27 ? -6.922  7.181   -1.859 1.00 16.70  ? 245 THR A N   1 
ATOM   158 C CA  . THR A 1 27 ? -5.999  6.632   -2.879 1.00 17.94  ? 245 THR A CA  1 
ATOM   159 C C   . THR A 1 27 ? -4.629  6.277   -2.199 1.00 19.13  ? 245 THR A C   1 
ATOM   160 O O   . THR A 1 27 ? -4.074  5.202   -2.437 1.00 17.16  ? 245 THR A O   1 
ATOM   161 C CB  . THR A 1 27 ? -5.689  7.701   -3.966 1.00 17.35  ? 245 THR A CB  1 
ATOM   162 O OG1 . THR A 1 27 ? -6.915  8.045   -4.637 1.00 17.69  ? 245 THR A OG1 1 
ATOM   163 C CG2 . THR A 1 27 ? -4.652  7.232   -5.003 1.00 19.07  ? 245 THR A CG2 1 
ATOM   164 N N   . ARG A 1 28 ? -4.121  7.211   -1.398 1.00 18.60  ? 246 ARG A N   1 
ATOM   165 C CA  . ARG A 1 28 ? -2.840  7.011   -0.746 1.00 18.89  ? 246 ARG A CA  1 
ATOM   166 C C   . ARG A 1 28 ? -2.908  5.771   0.167  1.00 17.55  ? 246 ARG A C   1 
ATOM   167 O O   . ARG A 1 28 ? -1.957  4.944   0.235  1.00 17.80  ? 246 ARG A O   1 
ATOM   168 C CB  . ARG A 1 28 ? -2.453  8.284   0.088  1.00 19.98  ? 246 ARG A CB  1 
ATOM   169 C CG  . ARG A 1 28 ? -1.917  9.483   -0.757 1.00 21.06  ? 246 ARG A CG  1 
ATOM   170 C CD  . ARG A 1 28 ? -1.994  10.783  -0.014 1.00 22.48  ? 246 ARG A CD  1 
ATOM   171 N NE  . ARG A 1 28 ? -1.374  10.724  1.323  1.00 24.78  ? 246 ARG A NE  1 
ATOM   172 C CZ  . ARG A 1 28 ? -0.057  10.792  1.499  1.00 30.58  ? 246 ARG A CZ  1 
ATOM   173 N NH1 . ARG A 1 28 ? 0.729   11.009  0.470  1.00 25.38  ? 246 ARG A NH1 1 
ATOM   174 N NH2 . ARG A 1 28 ? 0.481   10.718  2.700  1.00 29.57  ? 246 ARG A NH2 1 
ATOM   175 N N   . LYS A 1 29 ? -3.982  5.703   0.937  1.00 17.39  ? 247 LYS A N   1 
ATOM   176 C CA  . LYS A 1 29 ? -4.129  4.649   1.927  1.00 19.46  ? 247 LYS A CA  1 
ATOM   177 C C   . LYS A 1 29 ? -4.200  3.272   1.216  1.00 21.89  ? 247 LYS A C   1 
ATOM   178 O O   . LYS A 1 29 ? -3.468  2.318   1.565  1.00 19.11  ? 247 LYS A O   1 
ATOM   179 C CB  . LYS A 1 29 ? -5.367  4.920   2.770  1.00 20.67  ? 247 LYS A CB  1 
ATOM   180 C CG  . LYS A 1 29 ? -5.728  3.880   3.856  1.00 24.64  ? 247 LYS A CG  1 
ATOM   181 C CD  . LYS A 1 29 ? -6.564  2.716   3.384  1.00 25.36  ? 247 LYS A CD  1 
ATOM   182 C CE  . LYS A 1 29 ? -6.828  1.770   4.573  1.00 26.51  ? 247 LYS A CE  1 
ATOM   183 N NZ  . LYS A 1 29 ? -7.562  0.581   4.155  1.00 23.72  ? 247 LYS A NZ  1 
ATOM   184 N N   . ILE A 1 30 ? -5.014  3.172   0.162  1.00 19.74  ? 248 ILE A N   1 
ATOM   185 C CA  . ILE A 1 30 ? -5.186  1.904   -0.535 1.00 19.20  ? 248 ILE A CA  1 
ATOM   186 C C   . ILE A 1 30 ? -3.872  1.466   -1.223 1.00 20.42  ? 248 ILE A C   1 
ATOM   187 O O   . ILE A 1 30 ? -3.444  0.309   -1.108 1.00 19.33  ? 248 ILE A O   1 
ATOM   188 C CB  . ILE A 1 30 ? -6.326  1.995   -1.580 1.00 19.40  ? 248 ILE A CB  1 
ATOM   189 C CG1 . ILE A 1 30 ? -7.618  2.158   -0.824 1.00 18.14  ? 248 ILE A CG1 1 
ATOM   190 C CG2 . ILE A 1 30 ? -6.332  0.764   -2.495 1.00 20.15  ? 248 ILE A CG2 1 
ATOM   191 C CD1 . ILE A 1 30 ? -8.881  2.366   -1.668 1.00 18.61  ? 248 ILE A CD1 1 
ATOM   192 N N   . ILE A 1 31 ? -3.257  2.387   -1.952 1.00 19.95  ? 249 ILE A N   1 
ATOM   193 C CA  . ILE A 1 31 ? -2.068  2.072   -2.713 1.00 21.70  ? 249 ILE A CA  1 
ATOM   194 C C   . ILE A 1 31 ? -0.897  1.733   -1.748 1.00 21.67  ? 249 ILE A C   1 
ATOM   195 O O   . ILE A 1 31 ? -0.140  0.834   -2.011 1.00 23.10  ? 249 ILE A O   1 
ATOM   196 C CB  . ILE A 1 31 ? -1.654  3.243   -3.614 1.00 22.72  ? 249 ILE A CB  1 
ATOM   197 C CG1 . ILE A 1 31 ? -2.719  3.481   -4.700 1.00 24.16  ? 249 ILE A CG1 1 
ATOM   198 C CG2 . ILE A 1 31 ? -0.287  2.961   -4.252 1.00 23.62  ? 249 ILE A CG2 1 
ATOM   199 C CD1 . ILE A 1 31 ? -2.971  2.279   -5.625 1.00 25.03  ? 249 ILE A CD1 1 
ATOM   200 N N   . THR A 1 32 ? -0.817  2.445   -0.638 1.00 22.23  ? 250 THR A N   1 
ATOM   201 C CA  . THR A 1 32 ? 0.134   2.099   0.419  1.00 23.29  ? 250 THR A CA  1 
ATOM   202 C C   . THR A 1 32 ? -0.076  0.693   0.969  1.00 22.09  ? 250 THR A C   1 
ATOM   203 O O   . THR A 1 32 ? 0.878   -0.066  1.114  1.00 23.67  ? 250 THR A O   1 
ATOM   204 C CB  . THR A 1 32 ? 0.191   3.182   1.550  1.00 23.31  ? 250 THR A CB  1 
ATOM   205 O OG1 . THR A 1 32 ? 0.539   4.421   0.967  1.00 24.84  ? 250 THR A OG1 1 
ATOM   206 C CG2 . THR A 1 32 ? 1.252   2.855   2.622  1.00 26.97  ? 250 THR A CG2 1 
ATOM   207 N N   . ASN A 1 33 ? -1.283  0.346   1.315  1.00 22.70  ? 251 ASN A N   1 
ATOM   208 C CA  . ASN A 1 33 ? -1.598  -0.967  1.825  1.00 24.42  ? 251 ASN A CA  1 
ATOM   209 C C   . ASN A 1 33 ? -1.253  -1.983  0.806  1.00 24.03  ? 251 ASN A C   1 
ATOM   210 O O   . ASN A 1 33 ? -0.669  -2.976  1.137  1.00 21.28  ? 251 ASN A O   1 
ATOM   211 C CB  . ASN A 1 33 ? -3.078  -1.163  2.222  1.00 27.47  ? 251 ASN A CB  1 
ATOM   212 C CG  . ASN A 1 33 ? -3.364  -0.689  3.649  1.00 35.44  ? 251 ASN A CG  1 
ATOM   213 O OD1 . ASN A 1 33 ? -2.548  -0.016  4.239  1.00 32.93  ? 251 ASN A OD1 1 
ATOM   214 N ND2 . ASN A 1 33 ? -4.525  -0.992  4.157  1.00 33.40  ? 251 ASN A ND2 1 
ATOM   215 N N   . LEU A 1 34 ? -1.607  -1.749  -0.429 1.00 20.43  ? 252 LEU A N   1 
ATOM   216 C CA  . LEU A 1 34 ? -1.341  -2.767  -1.495 1.00 23.06  ? 252 LEU A CA  1 
ATOM   217 C C   . LEU A 1 34 ? 0.166   -2.923  -1.765 1.00 24.13  ? 252 LEU A C   1 
ATOM   218 O O   . LEU A 1 34 ? 0.621   -4.029  -1.911 1.00 23.40  ? 252 LEU A O   1 
ATOM   219 C CB  . LEU A 1 34 ? -2.135  -2.448  -2.758 1.00 24.01  ? 252 LEU A CB  1 
ATOM   220 C CG  . LEU A 1 34 ? -3.659  -2.639  -2.560 1.00 22.54  ? 252 LEU A CG  1 
ATOM   221 C CD1 . LEU A 1 34 ? -4.405  -2.158  -3.810 1.00 25.26  ? 252 LEU A CD1 1 
ATOM   222 C CD2 . LEU A 1 34 ? -4.037  -4.061  -2.252 1.00 22.80  ? 252 LEU A CD2 1 
ATOM   223 N N   . THR A 1 35 ? 0.917   -1.826  -1.712 1.00 25.06  ? 253 THR A N   1 
ATOM   224 C CA  . THR A 1 35 ? 2.356   -1.855  -1.904 1.00 28.37  ? 253 THR A CA  1 
ATOM   225 C C   . THR A 1 35 ? 3.025   -2.666  -0.781 1.00 30.07  ? 253 THR A C   1 
ATOM   226 O O   . THR A 1 35 ? 3.842   -3.533  -1.066 1.00 27.91  ? 253 THR A O   1 
ATOM   227 C CB  . THR A 1 35 ? 2.945   -0.426  -1.976 1.00 30.88  ? 253 THR A CB  1 
ATOM   228 O OG1 . THR A 1 35 ? 2.391   0.222   -3.134 1.00 30.67  ? 253 THR A OG1 1 
ATOM   229 C CG2 . THR A 1 35 ? 4.506   -0.460  -2.134 1.00 37.48  ? 253 THR A CG2 1 
ATOM   230 N N   . GLU A 1 36 ? 2.590   -2.422  0.471  1.00 28.56  ? 254 GLU A N   1 
ATOM   231 C CA  . GLU A 1 36 ? 3.083   -3.146  1.631  1.00 29.33  ? 254 GLU A CA  1 
ATOM   232 C C   . GLU A 1 36 ? 2.767   -4.625  1.494  1.00 30.24  ? 254 GLU A C   1 
ATOM   233 O O   . GLU A 1 36 ? 3.650   -5.478  1.635  1.00 28.62  ? 254 GLU A O   1 
ATOM   234 C CB  . GLU A 1 36 ? 2.550   -2.556  2.921  1.00 32.48  ? 254 GLU A CB  1 
ATOM   235 C CG  . GLU A 1 36 ? 3.090   -1.156  3.164  1.00 37.50  ? 254 GLU A CG  1 
ATOM   236 C CD  . GLU A 1 36 ? 2.413   -0.452  4.353  1.00 43.65  ? 254 GLU A CD  1 
ATOM   237 O OE1 . GLU A 1 36 ? 1.444   -1.023  4.916  1.00 46.71  ? 254 GLU A OE1 1 
ATOM   238 O OE2 . GLU A 1 36 ? 2.830   0.688   4.705  1.00 47.64  ? 254 GLU A OE2 1 
ATOM   239 N N   . GLY A 1 37 ? 1.505   -4.937  1.173  1.00 25.49  ? 255 GLY A N   1 
ATOM   240 C CA  . GLY A 1 37 ? 1.085   -6.279  0.844  1.00 27.86  ? 255 GLY A CA  1 
ATOM   241 C C   . GLY A 1 37 ? 1.960   -7.027  -0.117 1.00 28.90  ? 255 GLY A C   1 
ATOM   242 O O   . GLY A 1 37 ? 2.334   -8.174  0.142  1.00 32.81  ? 255 GLY A O   1 
ATOM   243 N N   . ALA A 1 38 ? 2.255   -6.378  -1.228 1.00 30.65  ? 256 ALA A N   1 
ATOM   244 C CA  . ALA A 1 38 ? 3.148   -6.899  -2.228 1.00 33.71  ? 256 ALA A CA  1 
ATOM   245 C C   . ALA A 1 38 ? 4.553   -7.227  -1.676 1.00 36.85  ? 256 ALA A C   1 
ATOM   246 O O   . ALA A 1 38 ? 5.090   -8.348  -1.925 1.00 32.21  ? 256 ALA A O   1 
ATOM   247 C CB  . ALA A 1 38 ? 3.263   -5.913  -3.361 1.00 34.36  ? 256 ALA A CB  1 
ATOM   248 N N   . SER A 1 39 ? 5.131   -6.263  -0.948 1.00 32.14  ? 257 SER A N   1 
ATOM   249 C CA  . SER A 1 39 ? 6.431   -6.476  -0.337 1.00 31.84  ? 257 SER A CA  1 
ATOM   250 C C   . SER A 1 39 ? 6.382   -7.649  0.590  1.00 32.14  ? 257 SER A C   1 
ATOM   251 O O   . SER A 1 39 ? 7.319   -8.407  0.568  1.00 29.96  ? 257 SER A O   1 
ATOM   252 C CB  . SER A 1 39 ? 6.941   -5.284  0.461  1.00 30.37  ? 257 SER A CB  1 
ATOM   253 O OG  . SER A 1 39 ? 6.963   -4.181  -0.386 1.00 34.86  ? 257 SER A OG  1 
ATOM   254 N N   . ARG A 1 40 ? 5.338   -7.785  1.422  1.00 31.68  ? 258 ARG A N   1 
ATOM   255 C CA  . ARG A 1 40 ? 5.290   -8.865  2.408  1.00 35.29  ? 258 ARG A CA  1 
ATOM   256 C C   . ARG A 1 40 ? 5.209   -10.225 1.723  1.00 38.98  ? 258 ARG A C   1 
ATOM   257 O O   . ARG A 1 40 ? 5.864   -11.201 2.160  1.00 37.86  ? 258 ARG A O   1 
ATOM   258 C CB  . ARG A 1 40 ? 4.197   -8.676  3.455  1.00 39.98  ? 258 ARG A CB  1 
ATOM   259 C CG  . ARG A 1 40 ? 4.444   -7.508  4.419  1.00 39.11  ? 258 ARG A CG  1 
ATOM   260 C CD  . ARG A 1 40 ? 3.382   -7.426  5.530  1.00 44.67  ? 258 ARG A CD  1 
ATOM   261 N NE  . ARG A 1 40 ? 1.967   -7.516  5.083  1.00 50.84  ? 258 ARG A NE  1 
ATOM   262 C CZ  . ARG A 1 40 ? 1.159   -6.477  4.788  1.00 51.41  ? 258 ARG A CZ  1 
ATOM   263 N NH1 . ARG A 1 40 ? 1.603   -5.229  4.856  1.00 53.65  ? 258 ARG A NH1 1 
ATOM   264 N NH2 . ARG A 1 40 ? -0.102  -6.688  4.398  1.00 53.86  ? 258 ARG A NH2 1 
ATOM   265 N N   . LYS A 1 41 ? 4.507   -10.281 0.594  1.00 36.38  ? 259 LYS A N   1 
ATOM   266 C CA  . LYS A 1 41 ? 4.540   -11.485 -0.220 1.00 37.34  ? 259 LYS A CA  1 
ATOM   267 C C   . LYS A 1 41 ? 5.955   -11.791 -0.765 1.00 34.10  ? 259 LYS A C   1 
ATOM   268 O O   . LYS A 1 41 ? 6.396   -12.942 -0.759 1.00 33.26  ? 259 LYS A O   1 
ATOM   269 C CB  . LYS A 1 41 ? 3.525   -11.438 -1.368 1.00 41.31  ? 259 LYS A CB  1 
ATOM   270 C CG  . LYS A 1 41 ? 3.277   -12.837 -1.945 1.00 47.95  ? 259 LYS A CG  1 
ATOM   271 C CD  . LYS A 1 41 ? 4.234   -13.176 -3.075 1.00 50.81  ? 259 LYS A CD  1 
ATOM   272 N N   . GLN A 1 42 ? 6.672   -10.783 -1.209 1.00 30.34  ? 260 GLN A N   1 
ATOM   273 C CA  . GLN A 1 42 ? 8.018   -10.990 -1.724 1.00 33.98  ? 260 GLN A CA  1 
ATOM   274 C C   . GLN A 1 42 ? 8.871   -11.548 -0.582 1.00 32.94  ? 260 GLN A C   1 
ATOM   275 O O   . GLN A 1 42 ? 9.642   -12.494 -0.798 1.00 33.79  ? 260 GLN A O   1 
ATOM   276 C CB  . GLN A 1 42 ? 8.654   -9.720  -2.250 1.00 32.98  ? 260 GLN A CB  1 
ATOM   277 C CG  . GLN A 1 42 ? 8.280   -9.319  -3.663 1.00 39.03  ? 260 GLN A CG  1 
ATOM   278 N N   . LEU A 1 43 ? 8.727   -10.980 0.620  1.00 29.90  ? 261 LEU A N   1 
ATOM   279 C CA  . LEU A 1 43 ? 9.553   -11.394 1.725  1.00 33.98  ? 261 LEU A CA  1 
ATOM   280 C C   . LEU A 1 43 ? 9.274   -12.820 2.105  1.00 33.64  ? 261 LEU A C   1 
ATOM   281 O O   . LEU A 1 43 ? 10.205  -13.568 2.378  1.00 28.15  ? 261 LEU A O   1 
ATOM   282 C CB  . LEU A 1 43 ? 9.398   -10.496 2.938  1.00 33.68  ? 261 LEU A CB  1 
ATOM   283 C CG  . LEU A 1 43 ? 10.056  -9.126  2.743  1.00 37.81  ? 261 LEU A CG  1 
ATOM   284 C CD1 . LEU A 1 43 ? 9.549   -8.257  3.874  1.00 39.23  ? 261 LEU A CD1 1 
ATOM   285 C CD2 . LEU A 1 43 ? 11.598  -9.242  2.789  1.00 39.71  ? 261 LEU A CD2 1 
ATOM   286 N N   . ARG A 1 44 ? 7.995   -13.171 2.155  1.00 33.45  ? 262 ARG A N   1 
ATOM   287 C CA  . ARG A 1 44 ? 7.572   -14.494 2.438  1.00 34.20  ? 262 ARG A CA  1 
ATOM   288 C C   . ARG A 1 44 ? 8.144   -15.470 1.421  1.00 32.64  ? 262 ARG A C   1 
ATOM   289 O O   . ARG A 1 44 ? 8.647   -16.517 1.842  1.00 38.04  ? 262 ARG A O   1 
ATOM   290 C CB  . ARG A 1 44 ? 6.011   -14.587 2.502  1.00 37.95  ? 262 ARG A CB  1 
ATOM   291 C CG  . ARG A 1 44 ? 5.450   -14.130 3.847  1.00 41.68  ? 262 ARG A CG  1 
ATOM   292 C CD  . ARG A 1 44 ? 3.992   -14.577 4.053  1.00 49.16  ? 262 ARG A CD  1 
ATOM   293 N N   . ASP A 1 45 ? 8.067   -15.169 0.118  1.00 29.13  ? 263 ASP A N   1 
ATOM   294 C CA  . ASP A 1 45 ? 8.563   -16.076 -0.948 1.00 31.07  ? 263 ASP A CA  1 
ATOM   295 C C   . ASP A 1 45 ? 10.102  -16.277 -0.824 1.00 34.04  ? 263 ASP A C   1 
ATOM   296 O O   . ASP A 1 45 ? 10.626  -17.410 -0.897 1.00 32.13  ? 263 ASP A O   1 
ATOM   297 C CB  . ASP A 1 45 ? 8.238   -15.531 -2.348 1.00 32.57  ? 263 ASP A CB  1 
ATOM   298 C CG  . ASP A 1 45 ? 6.723   -15.661 -2.710 1.00 36.82  ? 263 ASP A CG  1 
ATOM   299 O OD1 . ASP A 1 45 ? 6.015   -16.425 -1.983 1.00 37.54  ? 263 ASP A OD1 1 
ATOM   300 O OD2 . ASP A 1 45 ? 6.283   -14.975 -3.678 1.00 42.23  ? 263 ASP A OD2 1 
ATOM   301 N N   . ALA A 1 46 ? 10.798  -15.162 -0.603 1.00 32.79  ? 264 ALA A N   1 
ATOM   302 C CA  . ALA A 1 46 ? 12.249  -15.206 -0.396 1.00 32.85  ? 264 ALA A CA  1 
ATOM   303 C C   . ALA A 1 46 ? 12.613  -16.040 0.817  1.00 29.91  ? 264 ALA A C   1 
ATOM   304 O O   . ALA A 1 46 ? 13.584  -16.790 0.775  1.00 32.99  ? 264 ALA A O   1 
ATOM   305 C CB  . ALA A 1 46 ? 12.840  -13.811 -0.298 1.00 34.62  ? 264 ALA A CB  1 
ATOM   306 N N   . GLU A 1 47 ? 11.866  -15.916 1.901  1.00 29.45  ? 265 GLU A N   1 
ATOM   307 C CA  . GLU A 1 47 ? 12.174  -16.660 3.083  1.00 31.55  ? 265 GLU A CA  1 
ATOM   308 C C   . GLU A 1 47 ? 11.939  -18.136 2.809  1.00 31.92  ? 265 GLU A C   1 
ATOM   309 O O   . GLU A 1 47 ? 12.756  -18.949 3.205  1.00 27.79  ? 265 GLU A O   1 
ATOM   310 C CB  . GLU A 1 47 ? 11.355  -16.152 4.269  1.00 35.11  ? 265 GLU A CB  1 
ATOM   311 C CG  . GLU A 1 47 ? 11.528  -16.932 5.554  1.00 37.77  ? 265 GLU A CG  1 
ATOM   312 C CD  . GLU A 1 47 ? 12.796  -16.561 6.333  1.00 38.35  ? 265 GLU A CD  1 
ATOM   313 O OE1 . GLU A 1 47 ? 13.430  -15.543 6.015  1.00 33.58  ? 265 GLU A OE1 1 
ATOM   314 O OE2 . GLU A 1 47 ? 13.106  -17.295 7.285  1.00 37.88  ? 265 GLU A OE2 1 
ATOM   315 N N   . ALA A 1 48 ? 10.872  -18.489 2.070  1.00 28.68  ? 266 ALA A N   1 
ATOM   316 C CA  . ALA A 1 48 ? 10.592  -19.895 1.705  1.00 30.39  ? 266 ALA A CA  1 
ATOM   317 C C   . ALA A 1 48 ? 11.677  -20.475 0.839  1.00 27.49  ? 266 ALA A C   1 
ATOM   318 O O   . ALA A 1 48 ? 12.181  -21.591 1.104  1.00 28.92  ? 266 ALA A O   1 
ATOM   319 C CB  . ALA A 1 48 ? 9.233   -20.028 0.991  1.00 31.92  ? 266 ALA A CB  1 
ATOM   320 N N   . LEU A 1 49 ? 12.085  -19.734 -0.172 1.00 26.78  ? 267 LEU A N   1 
ATOM   321 C CA  . LEU A 1 49 ? 13.171  -20.183 -1.015 1.00 29.41  ? 267 LEU A CA  1 
ATOM   322 C C   . LEU A 1 49 ? 14.491  -20.381 -0.219 1.00 30.21  ? 267 LEU A C   1 
ATOM   323 O O   . LEU A 1 49 ? 15.147  -21.399 -0.384 1.00 28.51  ? 267 LEU A O   1 
ATOM   324 C CB  . LEU A 1 49 ? 13.401  -19.245 -2.193 1.00 30.24  ? 267 LEU A CB  1 
ATOM   325 C CG  . LEU A 1 49 ? 12.244  -19.316 -3.196 1.00 30.15  ? 267 LEU A CG  1 
ATOM   326 C CD1 . LEU A 1 49 ? 12.322  -18.172 -4.190 1.00 30.50  ? 267 LEU A CD1 1 
ATOM   327 C CD2 . LEU A 1 49 ? 12.252  -20.632 -3.988 1.00 32.74  ? 267 LEU A CD2 1 
ATOM   328 N N   . TYR A 1 50 ? 14.837  -19.425 0.652  1.00 28.50  ? 268 TYR A N   1 
ATOM   329 C CA  . TYR A 1 50 ? 16.037  -19.535 1.531  1.00 27.50  ? 268 TYR A CA  1 
ATOM   330 C C   . TYR A 1 50 ? 16.010  -20.798 2.400  1.00 28.12  ? 268 TYR A C   1 
ATOM   331 O O   . TYR A 1 50 ? 16.944  -21.575 2.434  1.00 24.73  ? 268 TYR A O   1 
ATOM   332 C CB  . TYR A 1 50 ? 16.109  -18.320 2.463  1.00 27.10  ? 268 TYR A CB  1 
ATOM   333 C CG  . TYR A 1 50 ? 17.281  -18.394 3.447  1.00 25.94  ? 268 TYR A CG  1 
ATOM   334 C CD1 . TYR A 1 50 ? 18.569  -18.251 3.011  1.00 28.44  ? 268 TYR A CD1 1 
ATOM   335 C CD2 . TYR A 1 50 ? 17.064  -18.573 4.782  1.00 25.25  ? 268 TYR A CD2 1 
ATOM   336 C CE1 . TYR A 1 50 ? 19.636  -18.335 3.881  1.00 28.29  ? 268 TYR A CE1 1 
ATOM   337 C CE2 . TYR A 1 50 ? 18.114  -18.641 5.657  1.00 29.05  ? 268 TYR A CE2 1 
ATOM   338 C CZ  . TYR A 1 50 ? 19.390  -18.498 5.183  1.00 29.39  ? 268 TYR A CZ  1 
ATOM   339 O OH  . TYR A 1 50 ? 20.419  -18.575 6.067  1.00 33.96  ? 268 TYR A OH  1 
ATOM   340 N N   . GLY A 1 51 ? 14.891  -21.032 3.055  1.00 28.48  ? 269 GLY A N   1 
ATOM   341 C CA  . GLY A 1 51 ? 14.729  -22.262 3.869  1.00 28.85  ? 269 GLY A CA  1 
ATOM   342 C C   . GLY A 1 51 ? 14.983  -23.534 3.055  1.00 28.10  ? 269 GLY A C   1 
ATOM   343 O O   . GLY A 1 51 ? 15.732  -24.454 3.502  1.00 31.47  ? 269 GLY A O   1 
ATOM   344 N N   . LEU A 1 52 ? 14.410  -23.563 1.865  1.00 28.14  ? 270 LEU A N   1 
ATOM   345 C CA  . LEU A 1 52 ? 14.518  -24.696 0.949  1.00 31.24  ? 270 LEU A CA  1 
ATOM   346 C C   . LEU A 1 52 ? 15.975  -24.886 0.473  1.00 32.34  ? 270 LEU A C   1 
ATOM   347 O O   . LEU A 1 52 ? 16.524  -25.992 0.495  1.00 27.60  ? 270 LEU A O   1 
ATOM   348 C CB  . LEU A 1 52 ? 13.607  -24.507 -0.275 1.00 33.09  ? 270 LEU A CB  1 
ATOM   349 C CG  . LEU A 1 52 ? 12.110  -24.728 -0.050 1.00 36.03  ? 270 LEU A CG  1 
ATOM   350 C CD1 . LEU A 1 52 ? 11.316  -24.247 -1.273 1.00 37.56  ? 270 LEU A CD1 1 
ATOM   351 C CD2 . LEU A 1 52 ? 11.803  -26.183 0.260  1.00 35.71  ? 270 LEU A CD2 1 
ATOM   352 N N   . LEU A 1 53 ? 16.566  -23.825 -0.031 1.00 27.09  ? 271 LEU A N   1 
ATOM   353 C CA  . LEU A 1 53 ? 17.999  -23.867 -0.364 1.00 29.16  ? 271 LEU A CA  1 
ATOM   354 C C   . LEU A 1 53 ? 18.915  -24.334 0.805  1.00 26.14  ? 271 LEU A C   1 
ATOM   355 O O   . LEU A 1 53 ? 19.811  -25.126 0.621  1.00 35.14  ? 271 LEU A O   1 
ATOM   356 C CB  . LEU A 1 53 ? 18.439  -22.478 -0.846 1.00 28.20  ? 271 LEU A CB  1 
ATOM   357 C CG  . LEU A 1 53 ? 19.905  -22.308 -1.289 1.00 28.37  ? 271 LEU A CG  1 
ATOM   358 C CD1 . LEU A 1 53 ? 20.294  -23.289 -2.371 1.00 31.88  ? 271 LEU A CD1 1 
ATOM   359 C CD2 . LEU A 1 53 ? 20.132  -20.901 -1.801 1.00 29.14  ? 271 LEU A CD2 1 
ATOM   360 N N   . LYS A 1 54 ? 18.720  -23.805 1.986  1.00 30.22  ? 272 LYS A N   1 
ATOM   361 C CA  . LYS A 1 54 ? 19.526  -24.141 3.119  1.00 34.59  ? 272 LYS A CA  1 
ATOM   362 C C   . LYS A 1 54 ? 19.423  -25.645 3.490  1.00 40.07  ? 272 LYS A C   1 
ATOM   363 O O   . LYS A 1 54 ? 20.455  -26.311 3.714  1.00 42.01  ? 272 LYS A O   1 
ATOM   364 C CB  . LYS A 1 54 ? 19.103  -23.277 4.281  1.00 35.35  ? 272 LYS A CB  1 
ATOM   365 C CG  . LYS A 1 54 ? 19.951  -23.413 5.510  1.00 36.50  ? 272 LYS A CG  1 
ATOM   366 C CD  . LYS A 1 54 ? 19.705  -22.181 6.322  1.00 40.82  ? 272 LYS A CD  1 
ATOM   367 C CE  . LYS A 1 54 ? 20.253  -22.343 7.702  1.00 44.98  ? 272 LYS A CE  1 
ATOM   368 N NZ  . LYS A 1 54 ? 21.745  -22.465 7.612  1.00 48.56  ? 272 LYS A NZ  1 
ATOM   369 N N   . GLU A 1 55 ? 18.185  -26.139 3.544  1.00 43.34  ? 273 GLU A N   1 
ATOM   370 C CA  . GLU A 1 55 ? 17.870  -27.601 3.637  1.00 46.49  ? 273 GLU A CA  1 
ATOM   371 C C   . GLU A 1 55 ? 18.639  -28.351 2.569  1.00 44.24  ? 273 GLU A C   1 
ATOM   372 O O   . GLU A 1 55 ? 19.465  -29.225 2.890  1.00 46.66  ? 273 GLU A O   1 
ATOM   373 C CB  . GLU A 1 55 ? 16.359  -27.883 3.512  1.00 50.55  ? 273 GLU A CB  1 
ATOM   374 C CG  . GLU A 1 55 ? 15.577  -27.602 4.813  1.00 63.51  ? 273 GLU A CG  1 
ATOM   375 C CD  . GLU A 1 55 ? 14.073  -27.272 4.617  1.00 68.65  ? 273 GLU A CD  1 
ATOM   376 O OE1 . GLU A 1 55 ? 13.477  -27.664 3.591  1.00 69.83  ? 273 GLU A OE1 1 
ATOM   377 O OE2 . GLU A 1 55 ? 13.463  -26.616 5.502  1.00 69.09  ? 273 GLU A OE2 1 
ATOM   378 N N   . GLU A 1 56 ? 18.441  -27.964 1.310  1.00 39.04  ? 274 GLU A N   1 
ATOM   379 C CA  . GLU A 1 56 ? 19.094  -28.663 0.225  1.00 41.13  ? 274 GLU A CA  1 
ATOM   380 C C   . GLU A 1 56 ? 20.622  -28.736 0.386  1.00 45.35  ? 274 GLU A C   1 
ATOM   381 O O   . GLU A 1 56 ? 21.268  -29.757 0.076  1.00 40.20  ? 274 GLU A O   1 
ATOM   382 C CB  . GLU A 1 56 ? 18.758  -28.023 -1.099 1.00 44.47  ? 274 GLU A CB  1 
ATOM   383 C CG  . GLU A 1 56 ? 19.179  -28.845 -2.295 1.00 53.32  ? 274 GLU A CG  1 
ATOM   384 C CD  . GLU A 1 56 ? 18.630  -30.271 -2.303 1.00 60.38  ? 274 GLU A CD  1 
ATOM   385 O OE1 . GLU A 1 56 ? 18.222  -30.785 -1.242 1.00 65.39  ? 274 GLU A OE1 1 
ATOM   386 O OE2 . GLU A 1 56 ? 18.626  -30.877 -3.387 1.00 64.09  ? 274 GLU A OE2 1 
ATOM   387 N N   . MET A 1 57 ? 21.200  -27.646 0.863  1.00 43.29  ? 275 MET A N   1 
ATOM   388 C CA  . MET A 1 57 ? 22.637  -27.566 0.990  1.00 47.28  ? 275 MET A CA  1 
ATOM   389 C C   . MET A 1 57 ? 23.102  -28.401 2.168  1.00 47.09  ? 275 MET A C   1 
ATOM   390 O O   . MET A 1 57 ? 24.232  -28.853 2.143  1.00 51.92  ? 275 MET A O   1 
ATOM   391 C CB  . MET A 1 57 ? 23.038  -26.137 1.248  1.00 45.90  ? 275 MET A CB  1 
ATOM   392 C CG  . MET A 1 57 ? 22.433  -25.282 0.193  1.00 53.61  ? 275 MET A CG  1 
ATOM   393 S SD  . MET A 1 57 ? 23.601  -25.120 -1.099 1.00 59.28  ? 275 MET A SD  1 
ATOM   394 C CE  . MET A 1 57 ? 23.929  -23.432 -0.928 1.00 49.68  ? 275 MET A CE  1 
ATOM   395 N N   . GLY A 1 58 ? 22.300  -28.521 3.214  1.00 47.10  ? 276 GLY A N   1 
ATOM   396 C CA  . GLY A 1 58 ? 22.656  -29.438 4.292  1.00 48.58  ? 276 GLY A CA  1 
ATOM   397 C C   . GLY A 1 58 ? 23.081  -30.758 3.640  1.00 53.96  ? 276 GLY A C   1 
ATOM   398 O O   . GLY A 1 58 ? 23.977  -31.421 4.110  1.00 60.36  ? 276 GLY A O   1 
ATOM   399 N N   . GLU A 1 59 ? 22.360  -31.095 2.571  1.00 52.85  ? 277 GLU A N   1 
ATOM   400 C CA  . GLU A 1 59 ? 22.490  -32.168 1.589  1.00 58.24  ? 277 GLU A CA  1 
ATOM   401 C C   . GLU A 1 59 ? 21.656  -33.384 1.811  1.00 54.26  ? 277 GLU A C   1 
ATOM   402 O O   . GLU A 1 59 ? 20.489  -33.366 1.440  1.00 55.32  ? 277 GLU A O   1 
ATOM   403 C CB  . GLU A 1 59 ? 23.898  -32.412 1.069  1.00 30.00  ? 277 GLU A CB  1 
ATOM   404 C CG  . GLU A 1 59 ? 24.399  -31.262 0.212  1.00 30.00  ? 277 GLU A CG  1 
ATOM   405 C CD  . GLU A 1 59 ? 25.673  -31.542 -0.572 1.00 30.00  ? 277 GLU A CD  1 
ATOM   406 O OE1 . GLU A 1 59 ? 26.481  -32.374 -0.139 1.00 30.00  ? 277 GLU A OE1 1 
ATOM   407 O OE2 . GLU A 1 59 ? 25.892  -30.911 -1.624 1.00 30.00  ? 277 GLU A OE2 1 
HETATM 408 C C1  . MPD B 2 .  ? 1.720   12.369  -1.531 1.00 66.29  ? 301 MPD A C1  1 
HETATM 409 C C2  . MPD B 2 .  ? 0.838   12.268  -2.754 1.00 52.82  ? 301 MPD A C2  1 
HETATM 410 O O2  . MPD B 2 .  ? 0.350   10.937  -2.687 1.00 49.74  ? 301 MPD A O2  1 
HETATM 411 C CM  . MPD B 2 .  ? -0.313  13.277  -2.771 1.00 55.86  ? 301 MPD A CM  1 
HETATM 412 C C3  . MPD B 2 .  ? 1.758   12.529  -3.925 1.00 55.30  ? 301 MPD A C3  1 
HETATM 413 C C4  . MPD B 2 .  ? 3.082   11.770  -3.862 1.00 55.80  ? 301 MPD A C4  1 
HETATM 414 O O4  . MPD B 2 .  ? 2.925   10.392  -3.535 1.00 46.55  ? 301 MPD A O4  1 
HETATM 415 C C5  . MPD B 2 .  ? 3.724   11.825  -5.242 1.00 57.96  ? 301 MPD A C5  1 
HETATM 416 C C1  . MPD C 2 .  ? -3.852  18.298  0.670  1.00 158.93 ? 302 MPD A C1  1 
HETATM 417 C C2  . MPD C 2 .  ? -5.182  18.394  -0.040 1.00 163.66 ? 302 MPD A C2  1 
HETATM 418 O O2  . MPD C 2 .  ? -5.397  17.196  -0.738 1.00 162.13 ? 302 MPD A O2  1 
HETATM 419 C CM  . MPD C 2 .  ? -6.222  18.553  1.031  1.00 161.74 ? 302 MPD A CM  1 
HETATM 420 C C3  . MPD C 2 .  ? -5.247  19.581  -0.973 1.00 161.01 ? 302 MPD A C3  1 
HETATM 421 C C4  . MPD C 2 .  ? -4.955  19.263  -2.422 1.00 164.75 ? 302 MPD A C4  1 
HETATM 422 O O4  . MPD C 2 .  ? -5.793  18.205  -2.825 1.00 134.94 ? 302 MPD A O4  1 
HETATM 423 C C5  . MPD C 2 .  ? -5.268  20.455  -3.269 1.00 166.87 ? 302 MPD A C5  1 
HETATM 424 O O   . HOH D 3 .  ? 22.532  -19.120 5.431  1.00 30.75  ? 401 HOH A O   1 
HETATM 425 O O   . HOH D 3 .  ? -18.575 23.903  2.228  1.00 33.43  ? 402 HOH A O   1 
HETATM 426 O O   . HOH D 3 .  ? 7.856   -17.727 4.086  1.00 36.45  ? 403 HOH A O   1 
# 
